data_2I0T
#
_entry.id   2I0T
#
_cell.length_a   70.524
_cell.length_b   88.451
_cell.length_c   80.164
_cell.angle_alpha   90.000
_cell.angle_beta   90.450
_cell.angle_gamma   90.000
#
_symmetry.space_group_name_H-M   'P 1 21 1'
#
loop_
_entity.id
_entity.type
_entity.pdbx_description
1 polymer 'Aromatic amine dehydrogenase'
2 polymer 'Aromatic amine dehydrogenase'
3 non-polymer 2-PHENYL-ETHANOL
4 water water
#
loop_
_entity_poly.entity_id
_entity_poly.type
_entity_poly.pdbx_seq_one_letter_code
_entity_poly.pdbx_strand_id
1 'polypeptide(L)'
;HISLNPDLANEDEVNSCDYWRHCAVDGFLCSCCGGTTTTCPPGSTPSPIS(TQQ)IGTCHNPHDGKDYLISYHDCCGKTA
CGRCQCNTQTRERPGYEFFLHNDVNWCMANENSTFHCTTSVLVGLA
;
D,H
2 'polypeptide(L)'
;REVLTGGHSVSAPQENRIYVMDSVFMHLTESRVHVYDYTNGKFLGMVPTAFNGHVQVSNDGKKIYTMTTYHERITRGKRS
DVVEVWDADKLTFEKEISLPPKRVQGLNYDGLFRQTTDGKFIVLQNASPATSIGIVDVAKGDYVEDVTAAAGCWSVIPQP
NRPRSFMTICGDGGLLTINLGEDGKVASQSRSKQMFSVKDDPIFIAPALDKDKAHFVSYYGNVYSADFSGDEVKVDGPWS
LLNDEDKAKNWVPGGYNLVGLHRASGRMYVFMHPDGKEGTHKFPAAEIWVMDTKTKQRVARIPGRDALSMTIDQQRNLML
TLDGGNVNVYDISQPEPKLLRTIEGAAEASLQVQFHPVGGT
;
A,B
#
loop_
_chem_comp.id
_chem_comp.type
_chem_comp.name
_chem_comp.formula
PEL non-polymer 2-PHENYL-ETHANOL 'C8 H10 O'
#
# COMPACT_ATOMS: atom_id res chain seq x y z
N HIS A 1 21.57 -28.64 20.12
CA HIS A 1 22.43 -27.64 19.41
C HIS A 1 21.76 -27.12 18.14
N ILE A 2 21.54 -28.00 17.17
CA ILE A 2 21.04 -27.62 15.85
C ILE A 2 19.69 -26.90 15.93
N SER A 3 18.83 -27.34 16.83
CA SER A 3 17.52 -26.71 16.99
C SER A 3 17.56 -25.31 17.60
N LEU A 4 18.70 -24.92 18.16
CA LEU A 4 18.86 -23.59 18.77
C LEU A 4 19.64 -22.59 17.88
N ASN A 5 20.10 -23.05 16.71
CA ASN A 5 20.94 -22.23 15.84
C ASN A 5 20.38 -22.16 14.43
N PRO A 6 19.42 -21.25 14.20
CA PRO A 6 18.72 -21.20 12.90
C PRO A 6 19.62 -20.86 11.70
N ASP A 7 20.74 -20.18 11.91
CA ASP A 7 21.63 -19.83 10.80
C ASP A 7 22.27 -21.06 10.14
N LEU A 8 22.37 -22.14 10.91
CA LEU A 8 22.90 -23.41 10.39
C LEU A 8 21.79 -24.31 9.85
N ALA A 9 20.54 -24.06 10.23
CA ALA A 9 19.42 -24.91 9.84
C ALA A 9 18.95 -24.61 8.41
N ASN A 10 18.02 -25.44 7.92
CA ASN A 10 17.44 -25.25 6.59
C ASN A 10 16.63 -23.96 6.54
N GLU A 11 16.87 -23.13 5.52
CA GLU A 11 16.19 -21.83 5.40
C GLU A 11 14.68 -21.97 5.18
N ASP A 12 14.27 -22.97 4.41
CA ASP A 12 12.84 -23.21 4.19
C ASP A 12 12.13 -23.54 5.50
N GLU A 13 12.85 -24.18 6.43
CA GLU A 13 12.31 -24.48 7.76
C GLU A 13 12.20 -23.23 8.63
N VAL A 14 13.25 -22.43 8.66
CA VAL A 14 13.27 -21.22 9.47
C VAL A 14 12.32 -20.14 8.94
N ASN A 15 12.07 -20.16 7.65
CA ASN A 15 11.19 -19.18 6.99
C ASN A 15 9.72 -19.59 6.98
N SER A 16 9.38 -20.58 7.80
CA SER A 16 8.03 -21.07 7.92
C SER A 16 7.44 -20.59 9.25
N CYS A 17 6.17 -20.25 9.23
CA CYS A 17 5.47 -19.84 10.45
C CYS A 17 5.40 -20.98 11.47
N ASP A 18 5.60 -22.22 11.02
CA ASP A 18 5.58 -23.38 11.93
C ASP A 18 6.91 -23.64 12.64
N TYR A 19 7.96 -22.94 12.27
CA TYR A 19 9.24 -23.08 12.96
C TYR A 19 9.03 -22.80 14.43
N TRP A 20 9.61 -23.65 15.29
CA TRP A 20 9.20 -23.68 16.66
C TRP A 20 9.35 -22.34 17.38
N ARG A 21 10.37 -21.55 17.04
CA ARG A 21 10.57 -20.33 17.82
C ARG A 21 9.69 -19.17 17.37
N HIS A 22 8.93 -19.37 16.30
CA HIS A 22 8.03 -18.32 15.77
C HIS A 22 6.62 -18.44 16.35
N CYS A 23 6.50 -18.93 17.58
CA CYS A 23 5.21 -19.35 18.09
C CYS A 23 4.28 -18.20 18.51
N ALA A 24 4.80 -16.98 18.61
CA ALA A 24 3.95 -15.80 18.87
C ALA A 24 4.33 -14.61 17.98
N VAL A 25 4.59 -14.87 16.71
CA VAL A 25 4.90 -13.81 15.72
C VAL A 25 3.62 -13.30 15.09
N ASP A 26 3.43 -11.98 15.10
CA ASP A 26 2.38 -11.28 14.34
C ASP A 26 3.14 -10.31 13.43
N GLY A 27 3.57 -10.77 12.28
CA GLY A 27 4.35 -9.91 11.41
C GLY A 27 5.03 -10.70 10.33
N PHE A 28 5.96 -10.07 9.64
CA PHE A 28 6.72 -10.70 8.57
C PHE A 28 8.03 -11.19 9.11
N LEU A 29 8.38 -12.44 8.83
CA LEU A 29 9.64 -12.97 9.35
C LEU A 29 10.82 -12.26 8.73
N CYS A 30 11.70 -11.68 9.56
CA CYS A 30 12.84 -10.98 9.03
C CYS A 30 13.77 -11.85 8.20
N SER A 31 13.81 -13.14 8.51
CA SER A 31 14.66 -14.05 7.71
C SER A 31 14.20 -14.22 6.27
N CYS A 32 12.99 -13.79 5.97
CA CYS A 32 12.46 -13.77 4.60
C CYS A 32 12.63 -12.41 3.94
N CYS A 33 13.21 -11.47 4.68
CA CYS A 33 13.17 -10.03 4.32
C CYS A 33 14.58 -9.49 4.10
N GLY A 34 15.55 -10.37 3.92
CA GLY A 34 16.92 -9.96 3.74
C GLY A 34 17.75 -9.96 5.01
N GLY A 35 17.11 -10.36 6.10
CA GLY A 35 17.78 -10.47 7.40
C GLY A 35 17.92 -11.92 7.80
N THR A 36 18.14 -12.13 9.08
CA THR A 36 18.12 -13.48 9.60
C THR A 36 17.25 -13.44 10.84
N THR A 37 17.15 -14.58 11.52
CA THR A 37 16.34 -14.66 12.71
C THR A 37 16.77 -13.68 13.80
N THR A 38 18.04 -13.28 13.79
CA THR A 38 18.62 -12.40 14.82
C THR A 38 19.35 -11.18 14.25
N THR A 39 19.14 -10.89 12.96
CA THR A 39 19.73 -9.69 12.38
C THR A 39 18.70 -9.00 11.50
N CYS A 40 18.67 -7.67 11.61
CA CYS A 40 17.71 -6.92 10.82
C CYS A 40 18.16 -6.87 9.38
N PRO A 41 17.17 -6.87 8.47
CA PRO A 41 17.54 -6.59 7.08
C PRO A 41 18.30 -5.26 6.98
N PRO A 42 19.22 -5.13 6.01
CA PRO A 42 19.98 -3.90 5.88
C PRO A 42 19.10 -2.64 5.92
N GLY A 43 19.46 -1.68 6.73
CA GLY A 43 18.78 -0.38 6.78
C GLY A 43 17.54 -0.36 7.61
N SER A 44 17.24 -1.45 8.32
CA SER A 44 16.14 -1.45 9.27
C SER A 44 16.72 -1.55 10.66
N THR A 45 16.05 -0.94 11.64
CA THR A 45 16.62 -0.69 12.95
C THR A 45 15.98 -1.60 13.99
N PRO A 46 16.76 -2.30 14.82
CA PRO A 46 16.14 -3.11 15.86
C PRO A 46 15.28 -2.32 16.84
N SER A 47 14.21 -2.93 17.30
CA SER A 47 13.47 -2.35 18.38
CA SER A 47 13.44 -2.37 18.40
C SER A 47 14.12 -2.73 19.72
N PRO A 48 14.20 -1.78 20.64
CA PRO A 48 14.75 -2.09 21.97
C PRO A 48 13.75 -2.78 22.88
N ILE A 49 12.50 -2.86 22.47
CA ILE A 49 11.44 -3.43 23.24
C ILE A 49 10.82 -4.53 22.39
N SER A 50 10.00 -5.36 23.00
CA SER A 50 9.43 -6.51 22.31
C SER A 50 8.29 -7.08 23.11
N TQQ A 51 7.48 -7.90 22.45
CA TQQ A 51 6.66 -8.85 23.16
C TQQ A 51 7.48 -10.15 23.31
O TQQ A 51 8.46 -10.37 22.60
CB TQQ A 51 5.31 -9.09 22.47
CG TQQ A 51 5.31 -9.56 21.02
CD1 TQQ A 51 5.30 -10.85 20.64
CD2 TQQ A 51 5.25 -8.78 19.76
NE1 TQQ A 51 5.25 -10.96 19.29
CE2 TQQ A 51 5.22 -9.72 18.72
CE3 TQQ A 51 5.21 -7.42 19.45
CZ2 TQQ A 51 5.16 -9.37 17.37
CZ3 TQQ A 51 5.15 -7.05 18.08
CH2 TQQ A 51 5.13 -8.04 17.05
O2 TQQ A 51 5.16 -10.28 16.49
N2 TQQ A 51 5.04 -7.59 15.73
N ILE A 52 7.05 -10.97 24.25
CA ILE A 52 7.74 -12.21 24.63
C ILE A 52 6.80 -13.37 24.42
N GLY A 53 7.36 -14.48 23.94
CA GLY A 53 6.64 -15.75 23.86
C GLY A 53 7.40 -16.81 24.62
N THR A 54 6.66 -17.83 25.04
CA THR A 54 7.25 -19.06 25.56
C THR A 54 6.90 -20.10 24.52
N CYS A 55 7.93 -20.66 23.89
CA CYS A 55 7.75 -21.60 22.79
C CYS A 55 8.39 -22.93 23.14
N HIS A 56 7.72 -23.99 22.71
CA HIS A 56 8.19 -25.35 22.95
C HIS A 56 9.14 -25.78 21.84
N ASN A 57 10.34 -26.25 22.19
CA ASN A 57 11.29 -26.77 21.24
C ASN A 57 11.03 -28.28 21.09
N PRO A 58 10.56 -28.73 19.93
CA PRO A 58 10.21 -30.15 19.79
C PRO A 58 11.40 -31.05 19.59
N HIS A 59 12.60 -30.51 19.56
CA HIS A 59 13.79 -31.32 19.39
C HIS A 59 14.32 -31.71 20.75
N ASP A 60 14.55 -30.75 21.62
CA ASP A 60 15.02 -31.07 22.97
C ASP A 60 13.93 -31.18 24.04
N GLY A 61 12.69 -30.88 23.67
CA GLY A 61 11.54 -30.99 24.57
C GLY A 61 11.39 -29.92 25.63
N LYS A 62 12.18 -28.86 25.53
CA LYS A 62 12.20 -27.81 26.56
C LYS A 62 11.50 -26.59 26.03
N ASP A 63 11.02 -25.75 26.94
CA ASP A 63 10.40 -24.47 26.59
C ASP A 63 11.41 -23.36 26.72
N TYR A 64 11.34 -22.42 25.79
CA TYR A 64 12.27 -21.31 25.74
C TYR A 64 11.52 -19.99 25.67
N LEU A 65 12.12 -18.99 26.28
CA LEU A 65 11.65 -17.61 26.15
C LEU A 65 12.22 -17.03 24.88
N ILE A 66 11.30 -16.53 24.06
CA ILE A 66 11.64 -15.87 22.80
C ILE A 66 11.23 -14.40 22.88
N SER A 67 12.13 -13.51 22.50
CA SER A 67 11.83 -12.07 22.47
C SER A 67 11.61 -11.68 21.02
N TYR A 68 10.41 -11.19 20.73
CA TYR A 68 10.05 -10.80 19.37
C TYR A 68 10.35 -9.33 19.15
N HIS A 69 11.59 -9.05 18.83
CA HIS A 69 12.02 -7.72 18.49
C HIS A 69 11.70 -7.47 17.04
N ASP A 70 11.20 -6.29 16.74
CA ASP A 70 10.95 -5.89 15.37
C ASP A 70 12.16 -5.19 14.80
N CYS A 71 12.20 -5.14 13.48
CA CYS A 71 13.06 -4.25 12.75
C CYS A 71 12.17 -3.16 12.17
N CYS A 72 12.65 -1.94 12.25
CA CYS A 72 11.83 -0.76 12.08
C CYS A 72 12.46 0.26 11.13
N GLY A 73 11.63 1.22 10.72
CA GLY A 73 12.14 2.33 9.92
C GLY A 73 12.22 2.05 8.44
N LYS A 74 11.60 0.97 7.99
CA LYS A 74 11.33 0.70 6.58
C LYS A 74 9.91 0.21 6.49
N THR A 75 9.30 0.41 5.33
CA THR A 75 7.94 -0.02 5.12
C THR A 75 7.82 -1.54 5.04
N ALA A 76 6.59 -2.03 5.10
CA ALA A 76 6.32 -3.43 5.37
C ALA A 76 7.06 -4.34 4.42
N CYS A 77 7.75 -5.34 4.98
CA CYS A 77 8.45 -6.29 4.11
C CYS A 77 7.50 -7.08 3.20
N GLY A 78 6.40 -7.53 3.77
CA GLY A 78 5.38 -8.21 2.99
C GLY A 78 5.60 -9.68 2.74
N ARG A 79 6.69 -10.25 3.21
CA ARG A 79 7.00 -11.66 2.97
C ARG A 79 6.89 -12.44 4.24
N CYS A 80 6.44 -13.69 4.13
CA CYS A 80 6.37 -14.64 5.26
C CYS A 80 5.59 -14.04 6.42
N GLN A 81 4.38 -13.60 6.14
CA GLN A 81 3.53 -13.10 7.19
C GLN A 81 3.06 -14.25 8.07
N CYS A 82 3.24 -14.08 9.36
CA CYS A 82 2.73 -15.05 10.34
C CYS A 82 1.81 -14.37 11.32
N ASN A 83 0.92 -15.15 11.94
CA ASN A 83 0.03 -14.63 12.96
C ASN A 83 -0.21 -15.70 14.02
N THR A 84 0.87 -16.13 14.64
CA THR A 84 0.84 -17.23 15.63
CA THR A 84 0.82 -17.22 15.60
C THR A 84 0.69 -16.64 17.02
N GLN A 85 0.02 -17.38 17.90
CA GLN A 85 -0.46 -16.77 19.13
C GLN A 85 -0.28 -17.63 20.37
N THR A 86 0.69 -18.54 20.33
CA THR A 86 0.92 -19.41 21.49
C THR A 86 1.35 -18.55 22.67
N ARG A 87 0.59 -18.67 23.76
CA ARG A 87 0.80 -17.97 25.03
C ARG A 87 0.65 -16.45 24.97
N GLU A 88 0.12 -15.95 23.85
CA GLU A 88 -0.10 -14.52 23.67
C GLU A 88 -1.30 -14.07 24.48
N ARG A 89 -1.22 -12.89 25.08
CA ARG A 89 -2.27 -12.37 25.91
C ARG A 89 -2.58 -10.93 25.57
N PRO A 90 -3.76 -10.43 25.97
CA PRO A 90 -4.17 -9.07 25.59
C PRO A 90 -3.33 -7.99 26.25
N GLY A 91 -3.63 -6.74 25.89
CA GLY A 91 -2.76 -5.63 26.26
C GLY A 91 -2.68 -5.31 27.75
N TYR A 92 -3.56 -5.89 28.56
CA TYR A 92 -3.41 -5.77 30.02
C TYR A 92 -2.29 -6.64 30.58
N GLU A 93 -1.68 -7.52 29.76
CA GLU A 93 -0.38 -8.12 30.05
C GLU A 93 0.52 -7.73 28.88
N PHE A 94 0.94 -6.48 28.91
CA PHE A 94 1.31 -5.78 27.68
C PHE A 94 2.48 -6.44 26.97
N PHE A 95 3.47 -6.94 27.71
CA PHE A 95 4.65 -7.50 27.05
C PHE A 95 4.45 -8.92 26.58
N LEU A 96 3.25 -9.48 26.77
CA LEU A 96 2.90 -10.77 26.15
C LEU A 96 1.97 -10.59 24.95
N HIS A 97 1.76 -9.35 24.50
CA HIS A 97 0.72 -9.01 23.56
C HIS A 97 1.32 -8.65 22.21
N ASN A 98 0.77 -9.21 21.12
CA ASN A 98 1.38 -9.03 19.79
C ASN A 98 0.50 -8.33 18.76
N ASP A 99 -0.56 -7.67 19.21
CA ASP A 99 -1.41 -6.86 18.31
C ASP A 99 -1.05 -5.37 18.39
N VAL A 100 0.12 -5.08 18.94
CA VAL A 100 0.68 -3.72 18.95
C VAL A 100 2.01 -3.76 18.23
N ASN A 101 2.34 -2.62 17.65
CA ASN A 101 3.57 -2.42 16.90
C ASN A 101 4.75 -2.28 17.85
N TRP A 102 5.59 -3.30 17.96
CA TRP A 102 6.71 -3.23 18.89
C TRP A 102 7.80 -2.29 18.39
N CYS A 103 7.61 -1.66 17.22
CA CYS A 103 8.43 -0.53 16.79
C CYS A 103 7.97 0.80 17.38
N MET A 104 6.96 0.80 18.26
CA MET A 104 6.28 2.04 18.66
C MET A 104 7.17 3.08 19.32
N ALA A 105 8.28 2.63 19.88
CA ALA A 105 9.22 3.54 20.57
C ALA A 105 10.47 3.87 19.77
N ASN A 106 10.61 3.34 18.56
CA ASN A 106 11.78 3.61 17.72
C ASN A 106 11.77 5.01 17.17
N GLU A 107 12.94 5.50 16.78
CA GLU A 107 13.06 6.79 16.14
C GLU A 107 12.12 6.91 14.94
N ASN A 108 12.03 5.83 14.17
CA ASN A 108 10.96 5.70 13.21
C ASN A 108 10.18 4.43 13.44
N SER A 109 8.92 4.60 13.70
CA SER A 109 8.05 3.51 14.14
C SER A 109 7.46 2.69 13.00
N THR A 110 7.81 2.95 11.74
CA THR A 110 7.25 2.15 10.65
C THR A 110 7.72 0.72 10.81
N PHE A 111 6.79 -0.20 10.75
CA PHE A 111 7.06 -1.61 11.00
C PHE A 111 7.55 -2.31 9.73
N HIS A 112 8.71 -2.96 9.83
CA HIS A 112 9.30 -3.66 8.69
C HIS A 112 9.13 -5.17 8.77
N CYS A 113 9.65 -5.79 9.82
CA CYS A 113 9.56 -7.24 10.02
C CYS A 113 9.82 -7.57 11.48
N THR A 114 9.52 -8.81 11.83
CA THR A 114 9.66 -9.33 13.20
C THR A 114 10.70 -10.44 13.23
N THR A 115 11.56 -10.39 14.25
CA THR A 115 12.62 -11.39 14.53
C THR A 115 12.16 -12.21 15.78
N SER A 116 12.81 -13.37 15.97
CA SER A 116 12.48 -14.30 17.05
C SER A 116 13.77 -14.59 17.80
N VAL A 117 14.08 -13.77 18.78
CA VAL A 117 15.37 -13.82 19.47
C VAL A 117 15.31 -14.75 20.66
N LEU A 118 16.20 -15.74 20.68
CA LEU A 118 16.21 -16.70 21.78
C LEU A 118 16.86 -16.09 23.03
N VAL A 119 16.07 -15.96 24.09
CA VAL A 119 16.55 -15.43 25.36
C VAL A 119 17.21 -16.56 26.19
N GLY A 120 16.48 -17.65 26.39
CA GLY A 120 16.98 -18.79 27.15
C GLY A 120 15.85 -19.67 27.60
N LEU A 121 16.17 -20.63 28.47
CA LEU A 121 15.15 -21.59 28.90
C LEU A 121 14.03 -20.93 29.67
N HIS B 1 -28.30 11.43 -27.56
CA HIS B 1 -28.42 9.95 -27.50
C HIS B 1 -28.13 9.45 -26.08
N ILE B 2 -28.80 8.37 -25.70
CA ILE B 2 -28.63 7.72 -24.41
C ILE B 2 -27.16 7.32 -24.13
N SER B 3 -26.44 6.97 -25.18
CA SER B 3 -25.05 6.58 -25.09
C SER B 3 -24.11 7.75 -24.72
N LEU B 4 -24.62 8.98 -24.70
CA LEU B 4 -23.82 10.14 -24.30
C LEU B 4 -24.04 10.56 -22.85
N ASN B 5 -24.93 9.85 -22.15
CA ASN B 5 -25.37 10.23 -20.81
C ASN B 5 -25.20 9.11 -19.83
N PRO B 6 -23.96 8.92 -19.31
CA PRO B 6 -23.68 7.78 -18.45
C PRO B 6 -24.55 7.69 -17.20
N ASP B 7 -25.01 8.82 -16.69
CA ASP B 7 -25.82 8.82 -15.47
C ASP B 7 -27.19 8.14 -15.70
N LEU B 8 -27.61 8.02 -16.96
CA LEU B 8 -28.85 7.32 -17.32
C LEU B 8 -28.63 5.84 -17.65
N ALA B 9 -27.37 5.41 -17.73
CA ALA B 9 -27.04 4.05 -18.12
C ALA B 9 -26.99 3.15 -16.90
N ASN B 10 -27.00 1.84 -17.14
CA ASN B 10 -26.79 0.88 -16.07
C ASN B 10 -25.37 1.03 -15.52
N GLU B 11 -25.25 1.04 -14.20
CA GLU B 11 -23.96 1.27 -13.55
C GLU B 11 -22.90 0.27 -14.00
N ASP B 12 -23.28 -1.01 -14.13
CA ASP B 12 -22.36 -2.05 -14.60
C ASP B 12 -21.77 -1.76 -15.98
N GLU B 13 -22.54 -1.10 -16.83
CA GLU B 13 -22.07 -0.73 -18.16
C GLU B 13 -21.02 0.37 -18.07
N VAL B 14 -21.28 1.41 -17.27
CA VAL B 14 -20.37 2.56 -17.21
C VAL B 14 -19.13 2.22 -16.39
N ASN B 15 -19.27 1.28 -15.44
CA ASN B 15 -18.16 0.89 -14.58
C ASN B 15 -17.24 -0.14 -15.19
N SER B 16 -17.41 -0.40 -16.48
CA SER B 16 -16.61 -1.38 -17.20
C SER B 16 -15.54 -0.69 -18.01
N CYS B 17 -14.33 -1.27 -18.06
CA CYS B 17 -13.28 -0.70 -18.91
C CYS B 17 -13.64 -0.68 -20.40
N ASP B 18 -14.63 -1.50 -20.78
CA ASP B 18 -15.09 -1.59 -22.17
C ASP B 18 -16.10 -0.52 -22.54
N TYR B 19 -16.60 0.23 -21.57
CA TYR B 19 -17.51 1.34 -21.89
C TYR B 19 -16.84 2.25 -22.90
N TRP B 20 -17.56 2.70 -23.92
CA TRP B 20 -16.92 3.27 -25.09
C TRP B 20 -16.06 4.50 -24.81
N ARG B 21 -16.45 5.32 -23.86
CA ARG B 21 -15.71 6.55 -23.64
C ARG B 21 -14.45 6.36 -22.78
N HIS B 22 -14.26 5.17 -22.21
CA HIS B 22 -13.10 4.90 -21.35
C HIS B 22 -11.94 4.36 -22.19
N CYS B 23 -11.77 4.80 -23.42
CA CYS B 23 -10.90 4.11 -24.36
C CYS B 23 -9.41 4.41 -24.16
N ALA B 24 -9.08 5.41 -23.36
CA ALA B 24 -7.68 5.69 -23.03
C ALA B 24 -7.49 5.98 -21.54
N VAL B 25 -8.14 5.20 -20.68
CA VAL B 25 -7.99 5.32 -19.22
C VAL B 25 -6.87 4.44 -18.68
N ASP B 26 -5.99 5.05 -17.89
CA ASP B 26 -4.97 4.34 -17.11
C ASP B 26 -5.21 4.76 -15.66
N GLY B 27 -6.08 4.03 -14.99
CA GLY B 27 -6.43 4.40 -13.64
C GLY B 27 -7.68 3.71 -13.17
N PHE B 28 -8.18 4.15 -12.03
CA PHE B 28 -9.38 3.58 -11.39
C PHE B 28 -10.55 4.43 -11.79
N LEU B 29 -11.60 3.83 -12.32
CA LEU B 29 -12.74 4.65 -12.76
C LEU B 29 -13.40 5.34 -11.57
N CYS B 30 -13.51 6.67 -11.61
CA CYS B 30 -14.12 7.41 -10.51
C CYS B 30 -15.57 6.99 -10.21
N SER B 31 -16.28 6.49 -11.22
CA SER B 31 -17.67 6.05 -11.00
C SER B 31 -17.75 4.80 -10.15
N CYS B 32 -16.63 4.10 -9.94
CA CYS B 32 -16.58 2.96 -9.04
C CYS B 32 -16.05 3.35 -7.67
N CYS B 33 -15.74 4.63 -7.49
CA CYS B 33 -14.96 5.10 -6.34
C CYS B 33 -15.78 6.07 -5.50
N GLY B 34 -17.10 6.03 -5.63
CA GLY B 34 -17.98 6.93 -4.90
C GLY B 34 -18.32 8.19 -5.63
N GLY B 35 -17.79 8.36 -6.84
CA GLY B 35 -18.15 9.45 -7.69
C GLY B 35 -19.01 9.00 -8.85
N THR B 36 -19.03 9.81 -9.89
CA THR B 36 -19.70 9.45 -11.13
C THR B 36 -18.74 9.74 -12.26
N THR B 37 -19.18 9.52 -13.49
CA THR B 37 -18.32 9.78 -14.63
C THR B 37 -17.84 11.23 -14.68
N THR B 38 -18.62 12.18 -14.16
CA THR B 38 -18.28 13.59 -14.25
C THR B 38 -18.23 14.29 -12.89
N THR B 39 -18.16 13.53 -11.80
CA THR B 39 -18.03 14.12 -10.48
C THR B 39 -17.02 13.34 -9.65
N CYS B 40 -16.13 14.07 -8.99
CA CYS B 40 -15.13 13.40 -8.17
C CYS B 40 -15.76 12.78 -6.95
N PRO B 41 -15.25 11.64 -6.49
CA PRO B 41 -15.68 11.16 -5.20
C PRO B 41 -15.51 12.24 -4.13
N PRO B 42 -16.36 12.22 -3.10
CA PRO B 42 -16.27 13.23 -2.05
C PRO B 42 -14.84 13.40 -1.53
N GLY B 43 -14.38 14.65 -1.47
CA GLY B 43 -13.10 14.99 -0.86
C GLY B 43 -11.91 14.79 -1.77
N SER B 44 -12.14 14.49 -3.03
CA SER B 44 -11.09 14.50 -4.03
C SER B 44 -11.30 15.61 -5.04
N THR B 45 -10.22 16.10 -5.61
CA THR B 45 -10.17 17.38 -6.31
C THR B 45 -9.95 17.15 -7.79
N PRO B 46 -10.77 17.71 -8.70
CA PRO B 46 -10.49 17.55 -10.12
C PRO B 46 -9.14 18.11 -10.53
N SER B 47 -8.54 17.45 -11.51
CA SER B 47 -7.33 17.99 -12.10
CA SER B 47 -7.32 17.96 -12.13
C SER B 47 -7.69 19.02 -13.15
N PRO B 48 -6.95 20.14 -13.19
CA PRO B 48 -7.19 21.18 -14.21
C PRO B 48 -6.64 20.81 -15.60
N ILE B 49 -5.87 19.75 -15.66
CA ILE B 49 -5.19 19.30 -16.86
C ILE B 49 -5.52 17.82 -17.05
N SER B 50 -5.20 17.29 -18.22
CA SER B 50 -5.62 15.95 -18.54
C SER B 50 -4.90 15.44 -19.75
N TQQ B 51 -4.95 14.14 -19.94
CA TQQ B 51 -4.67 13.60 -21.26
C TQQ B 51 -6.00 13.54 -22.00
O TQQ B 51 -7.05 13.57 -21.36
CB TQQ B 51 -3.92 12.27 -21.19
CG TQQ B 51 -4.55 11.11 -20.43
CD1 TQQ B 51 -5.39 10.19 -20.96
CD2 TQQ B 51 -4.36 10.69 -19.03
NE1 TQQ B 51 -5.75 9.27 -20.05
CE2 TQQ B 51 -5.14 9.55 -18.86
CE3 TQQ B 51 -3.63 11.18 -17.94
CZ2 TQQ B 51 -5.23 8.85 -17.64
CZ3 TQQ B 51 -3.69 10.47 -16.72
CH2 TQQ B 51 -4.50 9.33 -16.58
O2 TQQ B 51 -5.98 7.82 -17.53
N2 TQQ B 51 -4.51 8.66 -15.33
N ILE B 52 -5.92 13.50 -23.32
CA ILE B 52 -7.11 13.54 -24.16
C ILE B 52 -7.07 12.36 -25.10
N GLY B 53 -8.26 11.81 -25.35
CA GLY B 53 -8.42 10.66 -26.22
C GLY B 53 -9.54 10.92 -27.21
N THR B 54 -9.53 10.17 -28.31
CA THR B 54 -10.66 10.18 -29.22
C THR B 54 -11.23 8.79 -29.17
N CYS B 55 -12.51 8.67 -28.85
CA CYS B 55 -13.13 7.37 -28.69
C CYS B 55 -14.32 7.26 -29.62
N HIS B 56 -14.48 6.07 -30.20
CA HIS B 56 -15.61 5.79 -31.07
C HIS B 56 -16.79 5.40 -30.23
N ASN B 57 -17.93 6.01 -30.50
CA ASN B 57 -19.19 5.62 -29.89
C ASN B 57 -19.92 4.64 -30.82
N PRO B 58 -19.94 3.35 -30.47
CA PRO B 58 -20.58 2.37 -31.38
C PRO B 58 -22.10 2.46 -31.35
N HIS B 59 -22.65 3.20 -30.38
CA HIS B 59 -24.10 3.32 -30.25
C HIS B 59 -24.68 4.34 -31.21
N ASP B 60 -23.94 5.41 -31.52
CA ASP B 60 -24.38 6.39 -32.53
C ASP B 60 -23.46 6.51 -33.76
N GLY B 61 -22.35 5.77 -33.76
CA GLY B 61 -21.45 5.71 -34.91
C GLY B 61 -20.50 6.87 -35.08
N LYS B 62 -20.42 7.74 -34.07
CA LYS B 62 -19.64 8.96 -34.15
C LYS B 62 -18.43 8.89 -33.22
N ASP B 63 -17.42 9.70 -33.52
CA ASP B 63 -16.20 9.77 -32.72
C ASP B 63 -16.26 11.03 -31.86
N TYR B 64 -15.84 10.89 -30.60
CA TYR B 64 -15.90 11.96 -29.64
C TYR B 64 -14.54 12.20 -29.00
N LEU B 65 -14.28 13.47 -28.72
CA LEU B 65 -13.12 13.88 -27.93
C LEU B 65 -13.47 13.74 -26.45
N ILE B 66 -12.59 13.02 -25.75
CA ILE B 66 -12.71 12.74 -24.33
C ILE B 66 -11.52 13.39 -23.62
N SER B 67 -11.77 14.05 -22.49
CA SER B 67 -10.71 14.59 -21.65
C SER B 67 -10.69 13.75 -20.39
N TYR B 68 -9.55 13.09 -20.13
CA TYR B 68 -9.39 12.22 -18.98
C TYR B 68 -8.82 13.03 -17.84
N HIS B 69 -9.70 13.56 -17.03
CA HIS B 69 -9.32 14.32 -15.87
C HIS B 69 -9.26 13.37 -14.70
N ASP B 70 -8.29 13.57 -13.84
CA ASP B 70 -8.21 12.77 -12.63
C ASP B 70 -8.90 13.50 -11.48
N CYS B 71 -9.16 12.74 -10.44
CA CYS B 71 -9.47 13.28 -9.15
C CYS B 71 -8.30 12.97 -8.24
N CYS B 72 -7.96 13.94 -7.39
CA CYS B 72 -6.67 14.01 -6.73
C CYS B 72 -6.78 14.31 -5.25
N GLY B 73 -5.71 14.06 -4.49
CA GLY B 73 -5.61 14.45 -3.13
C GLY B 73 -6.19 13.44 -2.15
N LYS B 74 -6.44 12.24 -2.65
CA LYS B 74 -6.75 11.08 -1.81
C LYS B 74 -5.97 9.93 -2.38
N THR B 75 -5.66 8.96 -1.53
CA THR B 75 -4.89 7.79 -1.94
C THR B 75 -5.70 6.89 -2.87
N ALA B 76 -5.02 5.98 -3.53
CA ALA B 76 -5.57 5.22 -4.63
C ALA B 76 -6.91 4.59 -4.31
N CYS B 77 -7.90 4.82 -5.16
CA CYS B 77 -9.19 4.23 -4.92
C CYS B 77 -9.16 2.69 -4.99
N GLY B 78 -8.43 2.13 -5.95
CA GLY B 78 -8.22 0.68 -6.03
C GLY B 78 -9.30 -0.12 -6.73
N ARG B 79 -10.37 0.54 -7.20
CA ARG B 79 -11.52 -0.14 -7.79
C ARG B 79 -11.58 0.17 -9.25
N CYS B 80 -12.00 -0.82 -10.04
CA CYS B 80 -12.22 -0.66 -11.49
C CYS B 80 -10.98 -0.07 -12.18
N GLN B 81 -9.86 -0.75 -12.02
CA GLN B 81 -8.64 -0.35 -12.68
C GLN B 81 -8.73 -0.70 -14.16
N CYS B 82 -8.46 0.30 -14.98
CA CYS B 82 -8.40 0.12 -16.42
C CYS B 82 -7.03 0.54 -16.95
N ASN B 83 -6.67 -0.02 -18.09
CA ASN B 83 -5.44 0.36 -18.77
C ASN B 83 -5.61 0.29 -20.27
N THR B 84 -6.54 1.08 -20.75
CA THR B 84 -6.90 1.08 -22.17
C THR B 84 -6.10 2.19 -22.87
N GLN B 85 -5.82 1.97 -24.15
CA GLN B 85 -4.76 2.69 -24.83
C GLN B 85 -5.09 3.14 -26.24
N THR B 86 -6.39 3.20 -26.56
CA THR B 86 -6.78 3.64 -27.89
C THR B 86 -6.28 5.04 -28.19
N ARG B 87 -5.45 5.16 -29.22
CA ARG B 87 -4.88 6.42 -29.69
C ARG B 87 -3.90 7.10 -28.73
N GLU B 88 -3.53 6.37 -27.69
CA GLU B 88 -2.58 6.89 -26.72
C GLU B 88 -1.18 6.88 -27.32
N ARG B 89 -0.44 7.93 -27.03
CA ARG B 89 0.90 8.12 -27.59
C ARG B 89 1.90 8.47 -26.49
N PRO B 90 3.20 8.32 -26.78
CA PRO B 90 4.20 8.56 -25.76
C PRO B 90 4.35 10.01 -25.39
N GLY B 91 5.22 10.27 -24.43
CA GLY B 91 5.34 11.57 -23.82
C GLY B 91 5.81 12.69 -24.69
N TYR B 92 6.38 12.38 -25.85
CA TYR B 92 6.66 13.43 -26.85
C TYR B 92 5.39 13.95 -27.56
N GLU B 93 4.25 13.34 -27.32
CA GLU B 93 2.91 13.91 -27.60
C GLU B 93 2.19 13.96 -26.26
N PHE B 94 2.60 14.90 -25.43
CA PHE B 94 2.40 14.75 -23.99
C PHE B 94 0.93 14.66 -23.59
N PHE B 95 0.07 15.45 -24.22
CA PHE B 95 -1.32 15.46 -23.81
C PHE B 95 -2.13 14.32 -24.39
N LEU B 96 -1.51 13.42 -25.15
CA LEU B 96 -2.10 12.17 -25.58
C LEU B 96 -1.58 10.96 -24.77
N HIS B 97 -0.83 11.25 -23.72
CA HIS B 97 -0.04 10.21 -23.01
C HIS B 97 -0.66 9.91 -21.65
N ASN B 98 -0.84 8.62 -21.31
CA ASN B 98 -1.55 8.26 -20.08
C ASN B 98 -0.69 7.49 -19.08
N ASP B 99 0.64 7.47 -19.26
CA ASP B 99 1.54 6.83 -18.29
C ASP B 99 2.13 7.86 -17.35
N VAL B 100 1.55 9.08 -17.31
CA VAL B 100 1.93 10.10 -16.36
C VAL B 100 0.70 10.44 -15.50
N ASN B 101 0.93 10.91 -14.29
CA ASN B 101 -0.07 11.26 -13.33
C ASN B 101 -0.66 12.61 -13.68
N TRP B 102 -1.90 12.61 -14.18
CA TRP B 102 -2.50 13.89 -14.57
C TRP B 102 -2.96 14.71 -13.35
N CYS B 103 -2.71 14.21 -12.14
CA CYS B 103 -2.76 14.99 -10.89
C CYS B 103 -1.48 15.78 -10.62
N MET B 104 -0.53 15.74 -11.53
CA MET B 104 0.83 16.25 -11.25
C MET B 104 0.92 17.74 -10.88
N ALA B 105 -0.06 18.54 -11.28
CA ALA B 105 -0.06 19.97 -11.01
C ALA B 105 -1.10 20.37 -9.96
N ASN B 106 -1.75 19.41 -9.32
CA ASN B 106 -2.74 19.71 -8.30
C ASN B 106 -2.07 20.13 -7.00
N GLU B 107 -2.83 20.77 -6.13
CA GLU B 107 -2.35 21.19 -4.82
C GLU B 107 -1.81 19.98 -4.09
N ASN B 108 -2.53 18.86 -4.20
CA ASN B 108 -1.98 17.58 -3.77
C ASN B 108 -2.05 16.60 -4.92
N SER B 109 -0.89 16.11 -5.33
CA SER B 109 -0.78 15.28 -6.51
C SER B 109 -1.05 13.79 -6.27
N THR B 110 -1.47 13.38 -5.09
CA THR B 110 -1.76 11.97 -4.89
C THR B 110 -2.91 11.58 -5.81
N PHE B 111 -2.76 10.50 -6.56
CA PHE B 111 -3.74 10.06 -7.55
C PHE B 111 -4.81 9.24 -6.89
N HIS B 112 -6.06 9.63 -7.13
CA HIS B 112 -7.21 8.90 -6.56
C HIS B 112 -7.95 8.04 -7.57
N CYS B 113 -8.42 8.67 -8.62
CA CYS B 113 -9.15 7.96 -9.67
C CYS B 113 -9.15 8.81 -10.92
N THR B 114 -9.57 8.22 -12.04
CA THR B 114 -9.64 8.85 -13.35
C THR B 114 -11.05 8.84 -13.89
N THR B 115 -11.34 9.73 -14.81
N THR B 115 -11.47 10.04 -14.36
CA THR B 115 -12.59 9.60 -15.50
CA THR B 115 -12.81 10.34 -14.91
C THR B 115 -12.47 10.08 -16.94
C THR B 115 -12.66 10.55 -16.40
N SER B 116 -13.59 10.01 -17.65
N SER B 116 -13.77 10.39 -17.13
CA SER B 116 -13.64 10.32 -19.07
CA SER B 116 -13.80 10.42 -18.58
C SER B 116 -14.75 11.36 -19.32
C SER B 116 -14.81 11.46 -19.01
N VAL B 117 -14.34 12.62 -19.45
CA VAL B 117 -15.23 13.76 -19.62
C VAL B 117 -15.44 14.00 -21.11
N LEU B 118 -16.70 14.01 -21.52
CA LEU B 118 -17.02 14.22 -22.93
C LEU B 118 -16.90 15.70 -23.30
N VAL B 119 -16.00 16.00 -24.24
CA VAL B 119 -15.76 17.37 -24.69
C VAL B 119 -16.73 17.70 -25.83
N GLY B 120 -16.80 16.81 -26.82
CA GLY B 120 -17.70 17.02 -27.98
C GLY B 120 -17.30 16.11 -29.13
N LEU B 121 -17.87 16.35 -30.31
CA LEU B 121 -17.51 15.59 -31.49
C LEU B 121 -16.05 15.80 -31.89
N ALA B 122 -15.39 14.73 -32.32
CA ALA B 122 -14.02 14.80 -32.78
C ALA B 122 -13.95 15.48 -34.14
N GLU C 2 20.97 -14.72 22.59
CA GLU C 2 21.04 -14.01 21.28
C GLU C 2 20.68 -12.55 21.46
N VAL C 3 21.17 -11.73 20.52
CA VAL C 3 20.91 -10.30 20.52
C VAL C 3 20.64 -9.88 19.07
N LEU C 4 19.54 -9.16 18.88
CA LEU C 4 19.21 -8.63 17.57
C LEU C 4 20.10 -7.45 17.27
N THR C 5 20.75 -7.49 16.11
CA THR C 5 21.62 -6.42 15.68
C THR C 5 21.16 -5.85 14.32
N GLY C 6 21.51 -4.59 14.12
CA GLY C 6 21.36 -3.89 12.83
C GLY C 6 22.72 -3.51 12.27
N GLY C 7 22.71 -2.63 11.27
CA GLY C 7 23.91 -2.14 10.66
C GLY C 7 24.53 -3.08 9.64
N HIS C 8 23.79 -4.11 9.22
CA HIS C 8 24.33 -5.14 8.33
C HIS C 8 24.26 -4.74 6.88
N SER C 9 25.14 -5.31 6.09
CA SER C 9 25.17 -5.11 4.64
C SER C 9 24.42 -6.24 3.94
N VAL C 10 24.05 -5.99 2.70
CA VAL C 10 23.38 -6.97 1.87
C VAL C 10 24.27 -8.20 1.78
N SER C 11 23.62 -9.35 1.87
CA SER C 11 24.31 -10.62 2.09
C SER C 11 24.95 -11.22 0.87
N ALA C 12 24.57 -10.77 -0.32
CA ALA C 12 25.08 -11.32 -1.58
C ALA C 12 25.91 -10.26 -2.25
N PRO C 13 26.91 -10.67 -3.06
CA PRO C 13 27.75 -9.68 -3.72
C PRO C 13 26.98 -8.78 -4.68
N GLN C 14 27.48 -7.57 -4.91
CA GLN C 14 26.82 -6.59 -5.80
C GLN C 14 26.49 -7.22 -7.13
N GLU C 15 27.38 -8.03 -7.67
CA GLU C 15 27.22 -8.61 -8.99
C GLU C 15 26.02 -9.53 -9.10
N ASN C 16 25.49 -10.00 -7.99
CA ASN C 16 24.29 -10.84 -8.01
C ASN C 16 22.97 -10.08 -7.93
N ARG C 17 23.04 -8.76 -7.74
CA ARG C 17 21.87 -8.01 -7.32
C ARG C 17 21.12 -7.40 -8.48
N ILE C 18 19.80 -7.47 -8.35
CA ILE C 18 18.87 -6.78 -9.23
C ILE C 18 17.90 -5.98 -8.41
N TYR C 19 17.28 -4.99 -9.07
CA TYR C 19 16.42 -3.98 -8.44
C TYR C 19 15.09 -3.95 -9.13
N VAL C 20 14.06 -4.39 -8.43
CA VAL C 20 12.71 -4.45 -9.00
C VAL C 20 11.95 -3.27 -8.41
N MET C 21 11.63 -2.30 -9.26
CA MET C 21 10.98 -1.09 -8.81
C MET C 21 9.49 -1.35 -8.70
N ASP C 22 8.99 -1.49 -7.47
CA ASP C 22 7.59 -1.84 -7.27
C ASP C 22 6.79 -0.55 -7.08
N SER C 23 6.01 -0.18 -8.09
CA SER C 23 5.19 1.02 -7.99
C SER C 23 4.11 0.84 -6.93
N VAL C 24 3.71 -0.40 -6.65
CA VAL C 24 2.59 -0.65 -5.75
C VAL C 24 1.44 0.30 -6.12
N PHE C 25 1.04 0.26 -7.38
CA PHE C 25 0.04 1.21 -7.88
C PHE C 25 -1.25 1.21 -7.05
N MET C 26 -1.65 0.07 -6.50
CA MET C 26 -2.83 0.04 -5.62
C MET C 26 -2.66 0.85 -4.35
N HIS C 27 -1.41 1.07 -3.94
CA HIS C 27 -1.04 1.87 -2.78
C HIS C 27 0.19 2.63 -3.12
N LEU C 28 0.05 3.54 -4.08
CA LEU C 28 1.19 4.15 -4.78
C LEU C 28 2.01 5.06 -3.88
N THR C 29 1.47 5.46 -2.71
CA THR C 29 2.27 6.17 -1.72
C THR C 29 3.28 5.29 -1.00
N GLU C 30 3.24 3.97 -1.18
CA GLU C 30 4.20 3.04 -0.54
C GLU C 30 4.94 2.23 -1.57
N SER C 31 5.31 2.90 -2.65
CA SER C 31 6.19 2.31 -3.64
C SER C 31 7.54 1.98 -3.00
N ARG C 32 8.27 1.05 -3.57
CA ARG C 32 9.58 0.70 -3.02
C ARG C 32 10.37 -0.05 -4.07
N VAL C 33 11.67 -0.16 -3.82
CA VAL C 33 12.56 -0.98 -4.63
C VAL C 33 12.81 -2.27 -3.87
N HIS C 34 12.61 -3.40 -4.53
CA HIS C 34 12.96 -4.70 -3.95
C HIS C 34 14.28 -5.16 -4.55
N VAL C 35 15.20 -5.59 -3.69
CA VAL C 35 16.52 -6.05 -4.11
C VAL C 35 16.53 -7.55 -4.03
N TYR C 36 16.86 -8.18 -5.16
CA TYR C 36 16.92 -9.64 -5.26
C TYR C 36 18.27 -10.11 -5.73
N ASP C 37 18.59 -11.36 -5.41
CA ASP C 37 19.69 -12.06 -6.01
C ASP C 37 19.18 -12.85 -7.20
N TYR C 38 19.62 -12.49 -8.42
CA TYR C 38 19.09 -13.14 -9.61
C TYR C 38 19.56 -14.58 -9.73
N THR C 39 20.64 -14.94 -9.04
CA THR C 39 21.21 -16.30 -9.16
C THR C 39 20.39 -17.34 -8.44
N ASN C 40 19.61 -16.96 -7.44
CA ASN C 40 18.84 -17.91 -6.64
C ASN C 40 17.45 -17.43 -6.22
N GLY C 41 17.08 -16.22 -6.64
CA GLY C 41 15.80 -15.65 -6.27
C GLY C 41 15.63 -15.13 -4.86
N LYS C 42 16.70 -15.04 -4.10
CA LYS C 42 16.60 -14.63 -2.70
C LYS C 42 16.33 -13.13 -2.61
N PHE C 43 15.36 -12.78 -1.78
CA PHE C 43 15.11 -11.39 -1.40
C PHE C 43 16.21 -10.86 -0.48
N LEU C 44 16.84 -9.77 -0.86
CA LEU C 44 17.99 -9.24 -0.14
C LEU C 44 17.73 -7.98 0.68
N GLY C 45 16.67 -7.25 0.37
CA GLY C 45 16.36 -6.02 1.08
C GLY C 45 15.53 -5.12 0.19
N MET C 46 15.31 -3.91 0.69
CA MET C 46 14.44 -2.98 -0.03
C MET C 46 14.75 -1.57 0.36
N VAL C 47 14.34 -0.63 -0.50
CA VAL C 47 14.44 0.81 -0.23
C VAL C 47 13.04 1.43 -0.41
N PRO C 48 12.50 2.08 0.63
CA PRO C 48 11.18 2.71 0.51
C PRO C 48 11.28 3.95 -0.34
N THR C 49 10.28 4.19 -1.21
CA THR C 49 10.32 5.30 -2.13
C THR C 49 8.99 6.08 -2.22
N ALA C 50 8.20 6.05 -1.14
CA ALA C 50 7.07 6.97 -0.98
C ALA C 50 6.17 6.96 -2.22
N PHE C 51 5.76 8.13 -2.69
CA PHE C 51 4.81 8.19 -3.79
C PHE C 51 5.50 8.03 -5.12
N ASN C 52 5.16 6.99 -5.86
CA ASN C 52 5.61 6.80 -7.23
C ASN C 52 7.12 7.03 -7.37
N GLY C 53 7.88 6.25 -6.62
CA GLY C 53 9.32 6.36 -6.68
C GLY C 53 9.88 5.90 -8.00
N HIS C 54 11.01 6.50 -8.39
CA HIS C 54 11.89 6.01 -9.46
C HIS C 54 13.25 5.70 -8.84
N VAL C 55 14.01 4.86 -9.53
CA VAL C 55 15.24 4.35 -8.96
C VAL C 55 16.28 4.14 -10.04
N GLN C 56 17.54 4.30 -9.67
CA GLN C 56 18.64 3.82 -10.48
C GLN C 56 19.80 3.55 -9.53
N VAL C 57 20.78 2.77 -9.99
CA VAL C 57 22.00 2.54 -9.24
C VAL C 57 23.10 3.37 -9.86
N SER C 58 23.95 3.94 -9.01
CA SER C 58 25.07 4.73 -9.52
C SER C 58 25.93 3.86 -10.44
N ASN C 59 26.47 4.48 -11.49
CA ASN C 59 27.28 3.73 -12.45
C ASN C 59 28.49 3.05 -11.82
N ASP C 60 29.05 3.62 -10.75
CA ASP C 60 30.13 2.99 -10.00
C ASP C 60 29.68 1.93 -9.01
N GLY C 61 28.38 1.68 -8.91
CA GLY C 61 27.87 0.63 -8.08
C GLY C 61 27.79 0.87 -6.58
N LYS C 62 28.19 2.05 -6.13
CA LYS C 62 28.29 2.32 -4.70
C LYS C 62 27.02 2.84 -4.05
N LYS C 63 26.14 3.48 -4.83
CA LYS C 63 24.98 4.17 -4.28
C LYS C 63 23.73 3.83 -5.08
N ILE C 64 22.60 3.90 -4.39
CA ILE C 64 21.28 3.82 -5.03
C ILE C 64 20.72 5.21 -5.01
N TYR C 65 20.20 5.66 -6.13
CA TYR C 65 19.49 6.94 -6.21
C TYR C 65 18.00 6.68 -6.36
N THR C 66 17.22 7.39 -5.57
CA THR C 66 15.77 7.38 -5.75
C THR C 66 15.28 8.79 -6.02
N MET C 67 14.10 8.86 -6.63
CA MET C 67 13.42 10.11 -6.89
C MET C 67 11.98 9.92 -6.44
N THR C 68 11.47 10.85 -5.65
CA THR C 68 10.13 10.68 -5.10
C THR C 68 9.54 12.02 -4.71
N THR C 69 8.28 11.95 -4.27
CA THR C 69 7.52 13.09 -3.79
C THR C 69 6.99 12.79 -2.43
N TYR C 70 7.20 13.72 -1.50
CA TYR C 70 6.57 13.73 -0.20
C TYR C 70 5.63 14.91 -0.08
N HIS C 71 4.68 14.79 0.84
CA HIS C 71 3.94 15.94 1.36
C HIS C 71 3.92 15.87 2.86
N GLU C 72 3.80 17.03 3.51
CA GLU C 72 3.84 17.09 4.96
C GLU C 72 2.85 16.14 5.64
N ARG C 73 1.68 15.99 5.01
CA ARG C 73 0.64 15.09 5.51
C ARG C 73 0.14 14.16 4.40
N ILE C 74 1.03 13.82 3.47
CA ILE C 74 0.82 12.85 2.38
C ILE C 74 -0.17 13.33 1.33
N THR C 75 -1.42 13.46 1.76
CA THR C 75 -2.51 13.89 0.90
C THR C 75 -2.86 15.37 1.07
N ARG C 76 -2.14 16.07 1.94
CA ARG C 76 -2.23 17.53 2.06
C ARG C 76 -0.90 18.02 2.59
N GLY C 77 -0.73 19.34 2.59
CA GLY C 77 0.50 19.95 3.04
C GLY C 77 1.49 20.15 1.91
N LYS C 78 2.62 20.75 2.29
CA LYS C 78 3.60 21.17 1.33
C LYS C 78 4.28 19.98 0.67
N ARG C 79 4.46 20.12 -0.63
CA ARG C 79 5.15 19.14 -1.46
C ARG C 79 6.67 19.31 -1.42
N SER C 80 7.36 18.17 -1.36
CA SER C 80 8.82 18.12 -1.51
C SER C 80 9.14 17.04 -2.53
N ASP C 81 9.63 17.43 -3.69
CA ASP C 81 10.19 16.50 -4.66
C ASP C 81 11.68 16.41 -4.38
N VAL C 82 12.21 15.19 -4.38
CA VAL C 82 13.58 14.98 -4.01
C VAL C 82 14.22 13.88 -4.81
N VAL C 83 15.55 13.95 -4.85
CA VAL C 83 16.39 12.79 -5.09
C VAL C 83 17.02 12.40 -3.76
N GLU C 84 17.04 11.12 -3.47
CA GLU C 84 17.76 10.61 -2.32
C GLU C 84 18.91 9.72 -2.76
N VAL C 85 20.00 9.89 -2.03
CA VAL C 85 21.17 9.01 -2.16
C VAL C 85 21.19 8.03 -1.01
N TRP C 86 21.29 6.75 -1.34
CA TRP C 86 21.30 5.64 -0.41
C TRP C 86 22.57 4.84 -0.60
N ASP C 87 23.11 4.30 0.49
CA ASP C 87 24.24 3.41 0.33
C ASP C 87 23.78 2.10 -0.27
N ALA C 88 24.48 1.60 -1.29
CA ALA C 88 24.02 0.39 -1.95
C ALA C 88 24.19 -0.87 -1.12
N ASP C 89 25.19 -0.91 -0.24
CA ASP C 89 25.43 -2.11 0.55
C ASP C 89 24.69 -2.14 1.88
N LYS C 90 24.55 -0.99 2.51
CA LYS C 90 23.83 -0.90 3.79
C LYS C 90 22.33 -0.60 3.59
N LEU C 91 21.93 -0.22 2.38
CA LEU C 91 20.55 0.15 2.07
C LEU C 91 20.03 1.17 3.08
N THR C 92 20.85 2.17 3.34
CA THR C 92 20.55 3.25 4.27
C THR C 92 20.52 4.60 3.54
N PHE C 93 19.67 5.49 4.03
CA PHE C 93 19.56 6.83 3.50
C PHE C 93 20.80 7.63 3.89
N GLU C 94 21.33 8.38 2.94
CA GLU C 94 22.47 9.27 3.17
C GLU C 94 22.18 10.74 2.98
N LYS C 95 21.53 11.11 1.89
CA LYS C 95 21.40 12.52 1.51
C LYS C 95 20.11 12.74 0.74
N GLU C 96 19.45 13.84 1.03
CA GLU C 96 18.33 14.35 0.26
C GLU C 96 18.76 15.54 -0.57
N ILE C 97 18.40 15.56 -1.84
CA ILE C 97 18.67 16.64 -2.76
C ILE C 97 17.33 17.22 -3.17
N SER C 98 17.12 18.50 -2.89
CA SER C 98 15.86 19.16 -3.21
C SER C 98 15.70 19.42 -4.69
N LEU C 99 14.53 19.10 -5.23
CA LEU C 99 14.19 19.36 -6.62
C LEU C 99 13.07 20.40 -6.66
N PRO C 100 12.93 21.10 -7.78
CA PRO C 100 11.72 21.91 -7.93
C PRO C 100 10.51 20.96 -8.04
N PRO C 101 9.32 21.41 -7.62
CA PRO C 101 8.15 20.53 -7.47
C PRO C 101 7.46 20.18 -8.78
N LYS C 102 8.22 19.57 -9.68
CA LYS C 102 7.78 19.21 -11.01
C LYS C 102 8.49 17.95 -11.54
N ARG C 103 9.07 17.14 -10.65
CA ARG C 103 9.67 15.91 -11.13
C ARG C 103 8.58 15.03 -11.73
N VAL C 104 8.90 14.30 -12.77
CA VAL C 104 7.88 13.49 -13.45
C VAL C 104 7.26 12.49 -12.48
N GLN C 105 5.94 12.48 -12.42
CA GLN C 105 5.18 11.45 -11.77
C GLN C 105 4.59 10.62 -12.89
N GLY C 106 4.96 9.35 -12.91
CA GLY C 106 4.55 8.47 -13.97
C GLY C 106 5.19 7.11 -13.86
N LEU C 107 4.79 6.22 -14.76
CA LEU C 107 5.30 4.86 -14.77
C LEU C 107 6.82 4.83 -15.03
N ASN C 108 7.44 3.73 -14.63
CA ASN C 108 8.89 3.63 -14.50
C ASN C 108 9.60 3.24 -15.78
N TYR C 109 9.52 4.09 -16.80
CA TYR C 109 10.40 3.98 -17.94
C TYR C 109 11.81 4.38 -17.50
N ASP C 110 12.81 3.66 -17.98
CA ASP C 110 14.21 3.95 -17.63
C ASP C 110 14.52 5.43 -17.88
N GLY C 111 14.06 5.95 -19.02
CA GLY C 111 14.50 7.25 -19.48
C GLY C 111 13.99 8.43 -18.68
N LEU C 112 13.19 8.21 -17.66
CA LEU C 112 12.74 9.31 -16.83
C LEU C 112 13.70 9.69 -15.71
N PHE C 113 14.66 8.84 -15.42
CA PHE C 113 15.58 9.03 -14.29
C PHE C 113 16.87 8.31 -14.64
N ARG C 114 17.86 9.06 -15.12
CA ARG C 114 19.10 8.50 -15.67
C ARG C 114 20.30 9.25 -15.06
N GLN C 115 21.47 8.96 -15.60
CA GLN C 115 22.70 9.64 -15.16
C GLN C 115 23.65 9.71 -16.30
N THR C 116 24.61 10.64 -16.22
CA THR C 116 25.64 10.72 -17.23
C THR C 116 26.53 9.49 -17.16
N THR C 117 27.16 9.18 -18.28
CA THR C 117 28.06 8.03 -18.31
C THR C 117 29.13 8.07 -17.22
N ASP C 118 29.66 9.25 -16.93
CA ASP C 118 30.68 9.40 -15.92
C ASP C 118 30.14 9.35 -14.50
N GLY C 119 28.82 9.26 -14.33
CA GLY C 119 28.18 9.15 -13.04
C GLY C 119 28.13 10.43 -12.23
N LYS C 120 28.61 11.53 -12.77
CA LYS C 120 28.70 12.72 -11.94
C LYS C 120 27.38 13.49 -11.83
N PHE C 121 26.48 13.29 -12.80
CA PHE C 121 25.22 14.03 -12.84
C PHE C 121 24.07 13.08 -13.03
N ILE C 122 23.04 13.28 -12.22
CA ILE C 122 21.74 12.66 -12.39
C ILE C 122 20.94 13.55 -13.35
N VAL C 123 20.27 12.91 -14.29
CA VAL C 123 19.54 13.61 -15.36
C VAL C 123 18.11 13.07 -15.32
N LEU C 124 17.15 13.94 -15.04
CA LEU C 124 15.80 13.50 -14.72
C LEU C 124 14.78 14.30 -15.51
N GLN C 125 13.64 13.68 -15.78
CA GLN C 125 12.58 14.33 -16.51
C GLN C 125 11.63 15.07 -15.57
N ASN C 126 11.33 16.32 -15.94
CA ASN C 126 10.30 17.14 -15.27
C ASN C 126 9.05 17.26 -16.16
N ALA C 127 7.92 17.42 -15.49
CA ALA C 127 6.65 17.77 -16.15
C ALA C 127 5.82 18.58 -15.20
N SER C 128 5.44 19.77 -15.64
CA SER C 128 4.67 20.65 -14.77
C SER C 128 3.25 21.11 -15.18
N PRO C 129 2.68 20.69 -16.34
CA PRO C 129 3.06 19.67 -17.30
C PRO C 129 4.04 20.07 -18.37
N ALA C 130 4.44 21.33 -18.45
CA ALA C 130 5.54 21.69 -19.35
C ALA C 130 6.75 20.85 -19.03
N THR C 131 7.43 20.40 -20.06
CA THR C 131 8.54 19.48 -19.83
C THR C 131 9.89 20.19 -19.88
N SER C 132 10.81 19.70 -19.07
CA SER C 132 12.19 20.13 -19.09
C SER C 132 12.99 19.02 -18.47
N ILE C 133 14.31 19.10 -18.59
CA ILE C 133 15.20 18.10 -18.01
C ILE C 133 15.97 18.72 -16.86
N GLY C 134 15.98 18.09 -15.70
CA GLY C 134 16.70 18.58 -14.58
C GLY C 134 18.02 17.86 -14.39
N ILE C 135 19.02 18.61 -13.93
CA ILE C 135 20.38 18.08 -13.70
C ILE C 135 20.71 18.24 -12.24
N VAL C 136 21.11 17.13 -11.62
CA VAL C 136 21.57 17.08 -10.26
C VAL C 136 23.05 16.72 -10.23
N ASP C 137 23.80 17.57 -9.52
CA ASP C 137 25.19 17.33 -9.24
C ASP C 137 25.27 16.44 -8.01
N VAL C 138 25.69 15.19 -8.19
CA VAL C 138 25.69 14.22 -7.11
C VAL C 138 26.66 14.63 -6.00
N ALA C 139 27.86 15.01 -6.38
CA ALA C 139 28.89 15.39 -5.39
C ALA C 139 28.42 16.58 -4.55
N LYS C 140 27.88 17.61 -5.20
CA LYS C 140 27.43 18.81 -4.49
C LYS C 140 26.10 18.60 -3.78
N GLY C 141 25.35 17.61 -4.21
CA GLY C 141 24.01 17.34 -3.66
C GLY C 141 23.02 18.45 -4.00
N ASP C 142 23.10 18.97 -5.23
CA ASP C 142 22.35 20.15 -5.63
C ASP C 142 21.73 19.95 -7.01
N TYR C 143 20.56 20.53 -7.21
CA TYR C 143 19.94 20.70 -8.52
C TYR C 143 20.62 21.91 -9.14
N VAL C 144 21.28 21.72 -10.26
CA VAL C 144 22.17 22.72 -10.82
C VAL C 144 21.75 23.29 -12.16
N GLU C 145 20.85 22.65 -12.89
CA GLU C 145 20.51 23.07 -14.23
C GLU C 145 19.11 22.60 -14.58
N ASP C 146 18.39 23.41 -15.33
CA ASP C 146 17.08 23.06 -15.82
C ASP C 146 17.10 23.31 -17.32
N VAL C 147 17.03 22.24 -18.11
CA VAL C 147 17.20 22.33 -19.55
C VAL C 147 15.86 22.62 -20.20
N THR C 148 15.54 23.90 -20.29
CA THR C 148 14.32 24.33 -20.97
C THR C 148 14.39 24.16 -22.47
N ALA C 149 15.59 23.98 -23.03
CA ALA C 149 15.69 23.63 -24.45
C ALA C 149 14.93 22.35 -24.80
N ALA C 150 14.69 21.50 -23.79
CA ALA C 150 14.01 20.23 -23.99
C ALA C 150 12.49 20.33 -23.88
N ALA C 151 11.92 21.54 -23.85
CA ALA C 151 10.47 21.66 -23.82
C ALA C 151 9.86 20.98 -25.02
N GLY C 152 8.82 20.20 -24.78
CA GLY C 152 8.16 19.44 -25.83
C GLY C 152 8.86 18.14 -26.19
N CYS C 153 9.93 17.84 -25.46
CA CYS C 153 10.63 16.58 -25.62
C CYS C 153 10.36 15.68 -24.43
N TRP C 154 10.84 14.45 -24.51
CA TRP C 154 10.55 13.46 -23.47
C TRP C 154 11.61 12.39 -23.40
N SER C 155 12.06 12.18 -22.18
CA SER C 155 12.94 11.08 -21.77
C SER C 155 14.40 11.35 -22.08
N VAL C 156 15.26 10.60 -21.39
CA VAL C 156 16.71 10.83 -21.37
C VAL C 156 17.41 9.57 -21.82
N ILE C 157 18.17 9.67 -22.90
CA ILE C 157 18.97 8.55 -23.42
C ILE C 157 20.45 8.94 -23.30
N PRO C 158 21.17 8.43 -22.29
CA PRO C 158 22.58 8.79 -22.15
C PRO C 158 23.38 8.25 -23.31
N GLN C 159 24.43 8.99 -23.70
CA GLN C 159 25.37 8.49 -24.72
C GLN C 159 26.52 7.79 -24.01
N PRO C 160 26.62 6.45 -24.14
CA PRO C 160 27.69 5.76 -23.41
C PRO C 160 29.12 6.02 -23.89
N ASN C 161 29.30 6.71 -25.00
CA ASN C 161 30.62 7.04 -25.53
C ASN C 161 31.10 8.42 -25.17
N ARG C 162 30.33 9.16 -24.36
CA ARG C 162 30.75 10.48 -23.89
C ARG C 162 30.44 10.59 -22.42
N PRO C 163 31.20 11.41 -21.70
CA PRO C 163 31.06 11.44 -20.25
C PRO C 163 29.79 12.08 -19.69
N ARG C 164 29.28 13.10 -20.38
CA ARG C 164 28.16 13.90 -19.83
C ARG C 164 27.22 14.37 -20.91
N SER C 165 26.89 13.46 -21.80
CA SER C 165 26.00 13.74 -22.91
C SER C 165 24.79 12.81 -22.90
N PHE C 166 23.68 13.33 -23.34
CA PHE C 166 22.44 12.56 -23.43
C PHE C 166 21.57 13.15 -24.51
N MET C 167 20.58 12.38 -24.93
CA MET C 167 19.61 12.81 -25.94
C MET C 167 18.22 12.70 -25.40
N THR C 168 17.29 13.41 -26.03
CA THR C 168 15.89 13.32 -25.71
C THR C 168 15.09 13.34 -27.01
N ILE C 169 13.90 12.76 -26.97
CA ILE C 169 13.06 12.61 -28.15
C ILE C 169 12.09 13.77 -28.17
N CYS C 170 12.09 14.50 -29.28
CA CYS C 170 11.29 15.73 -29.35
C CYS C 170 10.04 15.60 -30.23
N GLY C 171 9.16 16.60 -30.06
CA GLY C 171 7.85 16.59 -30.72
C GLY C 171 7.89 16.72 -32.23
N ASP C 172 9.06 17.06 -32.76
CA ASP C 172 9.30 17.13 -34.20
C ASP C 172 9.73 15.79 -34.77
N GLY C 173 9.88 14.77 -33.93
CA GLY C 173 10.31 13.45 -34.39
C GLY C 173 11.82 13.31 -34.52
N GLY C 174 12.55 14.30 -34.01
CA GLY C 174 13.99 14.27 -33.99
C GLY C 174 14.49 14.16 -32.57
N LEU C 175 15.80 14.26 -32.42
CA LEU C 175 16.45 14.17 -31.13
C LEU C 175 17.21 15.42 -30.80
N LEU C 176 17.13 15.84 -29.55
CA LEU C 176 17.92 16.89 -29.00
C LEU C 176 19.04 16.28 -28.18
N THR C 177 20.28 16.63 -28.50
CA THR C 177 21.45 16.22 -27.77
C THR C 177 21.91 17.34 -26.88
N ILE C 178 22.16 17.02 -25.62
CA ILE C 178 22.68 17.95 -24.64
C ILE C 178 24.00 17.41 -24.14
N ASN C 179 25.01 18.26 -24.20
CA ASN C 179 26.31 17.97 -23.65
C ASN C 179 26.53 18.86 -22.44
N LEU C 180 26.68 18.29 -21.25
CA LEU C 180 26.87 19.07 -20.05
C LEU C 180 28.33 19.36 -19.81
N GLY C 181 28.60 20.52 -19.26
CA GLY C 181 29.95 20.83 -18.80
C GLY C 181 30.22 20.18 -17.49
N GLU C 182 31.43 20.35 -16.98
CA GLU C 182 31.83 19.68 -15.75
C GLU C 182 31.15 20.27 -14.52
N ASP C 183 30.44 21.38 -14.71
CA ASP C 183 29.62 22.02 -13.71
C ASP C 183 28.15 21.54 -13.77
N GLY C 184 27.81 20.71 -14.74
CA GLY C 184 26.41 20.25 -14.90
C GLY C 184 25.50 21.19 -15.68
N LYS C 185 26.02 22.35 -16.09
CA LYS C 185 25.29 23.30 -16.92
C LYS C 185 25.43 22.89 -18.38
N VAL C 186 24.47 23.26 -19.22
CA VAL C 186 24.57 22.92 -20.63
C VAL C 186 25.84 23.55 -21.22
N ALA C 187 26.67 22.74 -21.84
CA ALA C 187 27.88 23.22 -22.50
C ALA C 187 27.67 23.37 -23.98
N SER C 188 26.84 22.52 -24.60
CA SER C 188 26.43 22.65 -25.99
C SER C 188 25.23 21.77 -26.24
N GLN C 189 24.61 21.97 -27.39
CA GLN C 189 23.46 21.19 -27.76
C GLN C 189 23.39 21.09 -29.24
N SER C 190 22.65 20.11 -29.74
CA SER C 190 22.35 20.02 -31.16
C SER C 190 21.05 19.30 -31.39
N ARG C 191 20.47 19.51 -32.56
CA ARG C 191 19.20 18.90 -32.93
C ARG C 191 19.41 18.11 -34.19
N SER C 192 18.96 16.85 -34.21
CA SER C 192 19.05 16.03 -35.39
C SER C 192 17.99 16.41 -36.38
N LYS C 193 18.14 15.86 -37.58
CA LYS C 193 17.06 15.86 -38.55
C LYS C 193 15.92 14.98 -38.04
N GLN C 194 14.77 15.05 -38.65
CA GLN C 194 13.66 14.23 -38.23
C GLN C 194 14.00 12.75 -38.44
N MET C 195 13.81 11.97 -37.40
CA MET C 195 14.07 10.53 -37.46
C MET C 195 12.80 9.76 -37.83
N PHE C 196 11.69 10.09 -37.18
CA PHE C 196 10.41 9.37 -37.38
C PHE C 196 9.26 10.36 -37.48
N SER C 197 8.19 9.91 -38.12
CA SER C 197 6.96 10.68 -38.17
C SER C 197 6.15 10.45 -36.89
N VAL C 198 6.00 11.49 -36.10
CA VAL C 198 5.26 11.42 -34.85
C VAL C 198 3.85 10.89 -35.12
N LYS C 199 3.20 11.40 -36.15
CA LYS C 199 1.83 11.00 -36.42
C LYS C 199 1.73 9.64 -37.08
N ASP C 200 2.62 9.35 -38.01
CA ASP C 200 2.43 8.18 -38.88
C ASP C 200 3.13 6.91 -38.38
N ASP C 201 4.19 7.06 -37.59
CA ASP C 201 4.94 5.88 -37.14
C ASP C 201 5.61 6.19 -35.80
N PRO C 202 4.80 6.42 -34.76
CA PRO C 202 5.36 6.77 -33.47
C PRO C 202 6.26 5.66 -32.95
N ILE C 203 7.37 6.09 -32.39
CA ILE C 203 8.27 5.12 -31.73
C ILE C 203 7.96 5.01 -30.25
N PHE C 204 8.26 3.85 -29.72
CA PHE C 204 8.40 3.64 -28.28
C PHE C 204 9.62 4.39 -27.81
N ILE C 205 9.53 5.02 -26.64
CA ILE C 205 10.67 5.77 -26.14
C ILE C 205 11.87 4.92 -25.69
N ALA C 206 11.65 3.64 -25.38
CA ALA C 206 12.72 2.82 -24.82
C ALA C 206 13.81 2.58 -25.86
N PRO C 207 15.06 2.98 -25.60
CA PRO C 207 16.13 2.69 -26.55
C PRO C 207 16.70 1.29 -26.40
N ALA C 208 17.15 0.75 -27.53
CA ALA C 208 18.06 -0.40 -27.55
C ALA C 208 19.44 0.23 -27.74
N LEU C 209 20.15 0.39 -26.63
CA LEU C 209 21.25 1.34 -26.55
C LEU C 209 22.58 0.64 -26.71
N ASP C 210 23.32 1.04 -27.74
CA ASP C 210 24.69 0.58 -27.97
C ASP C 210 25.65 1.64 -27.42
N LYS C 211 26.96 1.41 -27.56
CA LYS C 211 27.92 2.38 -27.05
C LYS C 211 27.86 3.70 -27.81
N ASP C 212 27.55 3.64 -29.10
CA ASP C 212 27.64 4.81 -29.97
C ASP C 212 26.40 4.99 -30.85
N LYS C 213 25.36 4.23 -30.58
CA LYS C 213 24.12 4.36 -31.34
C LYS C 213 22.96 3.82 -30.52
N ALA C 214 21.76 4.23 -30.89
CA ALA C 214 20.54 3.76 -30.24
C ALA C 214 19.52 3.39 -31.28
N HIS C 215 18.83 2.29 -31.06
CA HIS C 215 17.75 1.85 -31.94
C HIS C 215 16.44 2.00 -31.20
N PHE C 216 15.39 2.27 -31.97
CA PHE C 216 14.07 2.46 -31.42
C PHE C 216 13.10 1.66 -32.27
N VAL C 217 12.09 1.06 -31.67
CA VAL C 217 11.04 0.36 -32.41
C VAL C 217 9.77 1.19 -32.40
N SER C 218 8.93 0.96 -33.41
CA SER C 218 7.72 1.75 -33.59
C SER C 218 6.47 0.94 -33.32
N TYR C 219 5.37 1.67 -33.16
CA TYR C 219 4.08 1.05 -32.92
C TYR C 219 3.70 0.03 -34.01
N TYR C 220 4.24 0.20 -35.20
CA TYR C 220 3.91 -0.65 -36.35
C TYR C 220 5.03 -1.63 -36.68
N GLY C 221 6.04 -1.69 -35.82
CA GLY C 221 7.10 -2.71 -35.97
C GLY C 221 8.23 -2.28 -36.87
N ASN C 222 8.45 -0.99 -37.02
CA ASN C 222 9.62 -0.46 -37.71
C ASN C 222 10.73 -0.16 -36.72
N VAL C 223 11.92 0.03 -37.25
CA VAL C 223 13.11 0.29 -36.45
C VAL C 223 13.78 1.54 -36.99
N TYR C 224 14.15 2.44 -36.09
CA TYR C 224 14.84 3.67 -36.39
C TYR C 224 16.13 3.69 -35.60
N SER C 225 17.10 4.44 -36.06
CA SER C 225 18.35 4.51 -35.35
C SER C 225 18.89 5.91 -35.28
N ALA C 226 19.66 6.15 -34.22
CA ALA C 226 20.33 7.40 -33.98
C ALA C 226 21.77 7.05 -33.69
N ASP C 227 22.65 7.43 -34.61
CA ASP C 227 24.07 7.16 -34.49
C ASP C 227 24.77 8.41 -33.95
N PHE C 228 25.42 8.27 -32.80
CA PHE C 228 26.12 9.36 -32.14
C PHE C 228 27.60 9.09 -32.00
N SER C 229 28.13 8.39 -32.99
CA SER C 229 29.57 8.25 -33.09
C SER C 229 30.24 9.63 -33.27
N GLY C 230 29.58 10.57 -33.95
CA GLY C 230 30.06 11.97 -34.03
C GLY C 230 29.27 12.92 -33.14
N ASP C 231 29.67 14.20 -33.14
CA ASP C 231 28.99 15.22 -32.33
C ASP C 231 27.59 15.46 -32.83
N GLU C 232 27.39 15.33 -34.14
CA GLU C 232 26.06 15.45 -34.71
C GLU C 232 25.48 14.04 -34.83
N VAL C 233 24.26 13.90 -34.33
CA VAL C 233 23.56 12.64 -34.39
C VAL C 233 23.02 12.43 -35.80
N LYS C 234 23.29 11.26 -36.37
CA LYS C 234 22.76 10.90 -37.69
C LYS C 234 21.65 9.90 -37.50
N VAL C 235 20.52 10.16 -38.12
CA VAL C 235 19.32 9.35 -37.92
C VAL C 235 18.96 8.60 -39.19
N ASP C 236 18.34 7.43 -39.01
CA ASP C 236 17.94 6.61 -40.16
C ASP C 236 16.75 5.74 -39.77
N GLY C 237 16.18 5.10 -40.78
CA GLY C 237 15.03 4.26 -40.63
C GLY C 237 13.87 4.81 -41.43
N PRO C 238 12.82 4.01 -41.56
CA PRO C 238 12.62 2.72 -40.95
C PRO C 238 13.17 1.51 -41.71
N TRP C 239 13.55 0.46 -40.99
CA TRP C 239 13.50 -0.91 -41.50
C TRP C 239 12.48 -1.69 -40.68
N SER C 240 11.83 -2.69 -41.27
CA SER C 240 10.79 -3.44 -40.59
C SER C 240 11.33 -4.63 -39.84
N LEU C 241 10.83 -4.82 -38.61
CA LEU C 241 11.02 -6.06 -37.89
C LEU C 241 10.34 -7.25 -38.52
N LEU C 242 9.39 -6.98 -39.43
CA LEU C 242 8.44 -7.95 -39.92
C LEU C 242 8.76 -8.46 -41.32
N ASN C 243 8.65 -9.78 -41.50
CA ASN C 243 8.65 -10.36 -42.84
C ASN C 243 7.19 -10.51 -43.28
N ASP C 244 6.96 -11.07 -44.46
CA ASP C 244 5.57 -11.12 -44.98
C ASP C 244 4.64 -12.01 -44.15
N GLU C 245 5.15 -13.14 -43.67
CA GLU C 245 4.37 -14.01 -42.76
C GLU C 245 3.98 -13.29 -41.47
N ASP C 246 4.92 -12.53 -40.92
CA ASP C 246 4.68 -11.78 -39.70
C ASP C 246 3.57 -10.76 -39.92
N LYS C 247 3.63 -10.08 -41.05
CA LYS C 247 2.61 -9.09 -41.41
C LYS C 247 1.21 -9.67 -41.53
N ALA C 248 1.10 -10.90 -42.01
CA ALA C 248 -0.20 -11.57 -42.18
C ALA C 248 -0.93 -11.80 -40.87
N LYS C 249 -0.17 -11.93 -39.78
CA LYS C 249 -0.73 -12.14 -38.46
C LYS C 249 -0.65 -10.86 -37.60
N ASN C 250 -0.29 -9.74 -38.22
CA ASN C 250 -0.32 -8.41 -37.58
C ASN C 250 0.56 -8.32 -36.32
N TRP C 251 1.72 -8.97 -36.37
CA TRP C 251 2.68 -8.85 -35.28
C TRP C 251 3.19 -7.43 -35.16
N VAL C 252 3.21 -6.94 -33.91
CA VAL C 252 3.72 -5.62 -33.60
C VAL C 252 4.38 -5.67 -32.22
N PRO C 253 5.22 -4.66 -31.92
CA PRO C 253 5.79 -4.61 -30.57
C PRO C 253 4.78 -4.22 -29.54
N GLY C 254 5.02 -4.60 -28.29
CA GLY C 254 4.26 -4.04 -27.21
C GLY C 254 4.94 -4.20 -25.90
N GLY C 255 4.75 -3.24 -25.02
CA GLY C 255 5.27 -3.26 -23.67
C GLY C 255 5.66 -1.88 -23.22
N TYR C 256 6.54 -1.82 -22.20
CA TYR C 256 6.96 -0.58 -21.57
C TYR C 256 8.45 -0.41 -21.83
N ASN C 257 9.31 -0.96 -20.96
CA ASN C 257 10.76 -1.00 -21.22
C ASN C 257 10.97 -2.22 -22.11
N LEU C 258 10.60 -2.12 -23.39
CA LEU C 258 10.26 -3.29 -24.22
C LEU C 258 11.37 -3.83 -25.09
N VAL C 259 12.51 -3.13 -25.13
CA VAL C 259 13.64 -3.53 -25.97
C VAL C 259 14.95 -3.59 -25.19
N GLY C 260 15.94 -4.23 -25.79
CA GLY C 260 17.27 -4.27 -25.22
C GLY C 260 18.23 -4.58 -26.31
N LEU C 261 19.51 -4.27 -26.07
CA LEU C 261 20.55 -4.54 -27.05
C LEU C 261 21.67 -5.29 -26.34
N HIS C 262 22.10 -6.37 -26.96
CA HIS C 262 23.32 -7.06 -26.54
C HIS C 262 24.46 -6.49 -27.38
N ARG C 263 25.31 -5.71 -26.74
CA ARG C 263 26.25 -4.88 -27.49
C ARG C 263 27.33 -5.66 -28.24
N ALA C 264 27.80 -6.75 -27.65
CA ALA C 264 28.87 -7.52 -28.28
C ALA C 264 28.42 -8.15 -29.61
N SER C 265 27.15 -8.53 -29.72
CA SER C 265 26.64 -9.20 -30.91
C SER C 265 25.82 -8.32 -31.81
N GLY C 266 25.32 -7.21 -31.28
CA GLY C 266 24.37 -6.40 -32.03
C GLY C 266 22.95 -6.95 -32.00
N ARG C 267 22.68 -7.96 -31.19
CA ARG C 267 21.32 -8.50 -31.12
C ARG C 267 20.43 -7.55 -30.37
N MET C 268 19.28 -7.29 -30.95
CA MET C 268 18.21 -6.50 -30.31
C MET C 268 17.06 -7.40 -29.94
N TYR C 269 16.55 -7.23 -28.73
CA TYR C 269 15.48 -8.04 -28.16
C TYR C 269 14.26 -7.16 -28.09
N VAL C 270 13.10 -7.68 -28.52
CA VAL C 270 11.88 -6.89 -28.58
C VAL C 270 10.69 -7.76 -28.21
N PHE C 271 9.83 -7.26 -27.34
CA PHE C 271 8.57 -7.92 -27.03
C PHE C 271 7.54 -7.67 -28.14
N MET C 272 6.93 -8.76 -28.61
CA MET C 272 6.02 -8.75 -29.74
C MET C 272 4.76 -9.51 -29.42
N HIS C 273 3.66 -9.13 -30.07
CA HIS C 273 2.41 -9.84 -29.95
C HIS C 273 1.70 -9.80 -31.31
N PRO C 274 0.90 -10.85 -31.60
CA PRO C 274 0.11 -10.89 -32.83
C PRO C 274 -1.14 -10.04 -32.71
N ASP C 275 -1.85 -9.91 -33.82
CA ASP C 275 -3.14 -9.20 -33.86
C ASP C 275 -3.03 -7.78 -33.36
N GLY C 276 -1.95 -7.14 -33.75
CA GLY C 276 -1.75 -5.74 -33.44
C GLY C 276 -2.80 -4.87 -34.11
N LYS C 277 -3.23 -3.85 -33.38
CA LYS C 277 -4.11 -2.82 -33.93
C LYS C 277 -4.03 -1.65 -32.99
N GLU C 278 -4.70 -0.57 -33.31
CA GLU C 278 -4.71 0.60 -32.45
C GLU C 278 -5.13 0.23 -31.03
N GLY C 279 -4.27 0.59 -30.08
CA GLY C 279 -4.49 0.33 -28.69
C GLY C 279 -3.78 -0.85 -28.08
N THR C 280 -2.95 -1.54 -28.86
CA THR C 280 -2.28 -2.74 -28.34
C THR C 280 -0.81 -2.52 -28.00
N HIS C 281 -0.35 -1.29 -27.99
CA HIS C 281 1.09 -1.03 -27.85
C HIS C 281 1.63 -1.32 -26.46
N LYS C 282 0.78 -1.54 -25.48
CA LYS C 282 1.27 -1.92 -24.16
C LYS C 282 0.87 -3.33 -23.79
N PHE C 283 0.47 -4.13 -24.78
CA PHE C 283 0.12 -5.52 -24.51
C PHE C 283 1.32 -6.36 -24.08
N PRO C 284 1.10 -7.32 -23.19
CA PRO C 284 2.13 -8.25 -22.81
C PRO C 284 2.69 -9.03 -23.99
N ALA C 285 3.93 -9.47 -23.86
CA ALA C 285 4.59 -10.16 -24.95
C ALA C 285 4.04 -11.56 -25.15
N ALA C 286 3.65 -11.88 -26.37
CA ALA C 286 3.47 -13.28 -26.76
C ALA C 286 4.83 -13.94 -27.03
N GLU C 287 5.74 -13.17 -27.58
CA GLU C 287 7.07 -13.64 -27.90
C GLU C 287 8.09 -12.57 -27.64
N ILE C 288 9.32 -13.02 -27.47
CA ILE C 288 10.50 -12.17 -27.57
C ILE C 288 11.15 -12.48 -28.91
N TRP C 289 11.36 -11.45 -29.72
CA TRP C 289 12.09 -11.62 -30.95
C TRP C 289 13.51 -11.13 -30.78
N VAL C 290 14.42 -11.83 -31.43
CA VAL C 290 15.84 -11.53 -31.38
C VAL C 290 16.26 -11.15 -32.78
N MET C 291 16.66 -9.90 -32.96
CA MET C 291 16.98 -9.31 -34.26
C MET C 291 18.45 -9.07 -34.40
N ASP C 292 19.01 -9.39 -35.55
CA ASP C 292 20.37 -9.01 -35.84
C ASP C 292 20.31 -7.63 -36.44
N THR C 293 20.80 -6.63 -35.71
CA THR C 293 20.70 -5.25 -36.17
C THR C 293 21.62 -4.94 -37.33
N LYS C 294 22.61 -5.77 -37.58
CA LYS C 294 23.50 -5.54 -38.73
C LYS C 294 22.83 -6.02 -40.01
N THR C 295 22.23 -7.19 -39.98
CA THR C 295 21.57 -7.74 -41.16
C THR C 295 20.11 -7.29 -41.29
N LYS C 296 19.57 -6.74 -40.21
CA LYS C 296 18.19 -6.24 -40.16
C LYS C 296 17.17 -7.36 -40.39
N GLN C 297 17.46 -8.51 -39.77
CA GLN C 297 16.65 -9.71 -39.89
C GLN C 297 16.51 -10.39 -38.55
N ARG C 298 15.39 -11.03 -38.33
CA ARG C 298 15.20 -11.80 -37.12
C ARG C 298 16.07 -13.07 -37.16
N VAL C 299 16.62 -13.44 -36.02
CA VAL C 299 17.38 -14.67 -35.89
C VAL C 299 16.73 -15.71 -35.00
N ALA C 300 15.90 -15.30 -34.03
CA ALA C 300 15.24 -16.21 -33.14
C ALA C 300 13.98 -15.60 -32.57
N ARG C 301 13.10 -16.47 -32.10
CA ARG C 301 11.88 -16.05 -31.40
C ARG C 301 11.58 -17.09 -30.33
N ILE C 302 11.19 -16.63 -29.14
CA ILE C 302 10.88 -17.52 -28.03
C ILE C 302 9.62 -17.01 -27.33
N PRO C 303 8.99 -17.88 -26.52
CA PRO C 303 7.80 -17.44 -25.78
C PRO C 303 8.09 -16.24 -24.90
N GLY C 304 7.11 -15.33 -24.86
CA GLY C 304 7.30 -14.10 -24.11
C GLY C 304 6.93 -14.09 -22.64
N ARG C 305 6.20 -15.09 -22.20
CA ARG C 305 5.78 -15.21 -20.81
C ARG C 305 5.06 -13.98 -20.30
N ASP C 306 4.29 -13.35 -21.18
CA ASP C 306 3.50 -12.16 -20.86
C ASP C 306 4.34 -11.00 -20.28
N ALA C 307 5.59 -10.95 -20.68
CA ALA C 307 6.45 -9.90 -20.17
C ALA C 307 6.12 -8.52 -20.77
N LEU C 308 6.40 -7.50 -19.99
CA LEU C 308 6.17 -6.11 -20.37
C LEU C 308 7.45 -5.28 -20.46
N SER C 309 8.42 -5.60 -19.60
CA SER C 309 9.65 -4.85 -19.48
C SER C 309 10.83 -5.80 -19.40
N MET C 310 11.99 -5.31 -19.82
CA MET C 310 13.22 -6.08 -19.78
C MET C 310 14.40 -5.21 -19.39
N THR C 311 15.53 -5.86 -19.15
CA THR C 311 16.81 -5.18 -19.05
C THR C 311 17.90 -6.19 -19.40
N ILE C 312 19.04 -5.69 -19.85
CA ILE C 312 20.17 -6.52 -20.27
C ILE C 312 21.40 -6.23 -19.40
N ASP C 313 22.09 -7.30 -19.02
CA ASP C 313 23.46 -7.19 -18.47
C ASP C 313 24.45 -7.62 -19.53
N GLN C 314 25.28 -6.70 -19.96
CA GLN C 314 26.23 -6.98 -21.01
C GLN C 314 27.27 -8.01 -20.62
N GLN C 315 27.89 -7.84 -19.46
CA GLN C 315 29.09 -8.62 -19.15
C GLN C 315 28.85 -10.04 -18.75
N ARG C 316 27.67 -10.36 -18.22
CA ARG C 316 27.30 -11.73 -17.92
C ARG C 316 26.35 -12.28 -18.98
N ASN C 317 26.03 -11.47 -20.00
CA ASN C 317 25.16 -11.94 -21.08
C ASN C 317 23.83 -12.44 -20.58
N LEU C 318 23.13 -11.56 -19.85
CA LEU C 318 21.84 -11.90 -19.25
C LEU C 318 20.77 -10.93 -19.71
N MET C 319 19.55 -11.44 -19.76
CA MET C 319 18.37 -10.62 -19.95
C MET C 319 17.39 -10.95 -18.86
N LEU C 320 16.84 -9.93 -18.20
CA LEU C 320 15.70 -10.12 -17.31
C LEU C 320 14.44 -9.68 -18.03
N THR C 321 13.34 -10.39 -17.81
CA THR C 321 12.04 -9.89 -18.25
C THR C 321 11.11 -9.87 -17.04
N LEU C 322 10.06 -9.07 -17.14
CA LEU C 322 9.20 -8.75 -16.04
C LEU C 322 7.78 -8.59 -16.56
N ASP C 323 6.85 -9.29 -15.92
CA ASP C 323 5.45 -9.31 -16.34
C ASP C 323 4.57 -8.46 -15.45
N GLY C 324 5.18 -7.72 -14.52
CA GLY C 324 4.46 -6.92 -13.54
C GLY C 324 4.70 -7.42 -12.13
N GLY C 325 4.85 -8.74 -12.00
CA GLY C 325 5.05 -9.39 -10.71
C GLY C 325 6.17 -10.37 -10.61
N ASN C 326 6.52 -11.00 -11.72
CA ASN C 326 7.52 -12.06 -11.77
C ASN C 326 8.66 -11.67 -12.68
N VAL C 327 9.89 -12.00 -12.29
CA VAL C 327 11.07 -11.75 -13.05
C VAL C 327 11.65 -13.04 -13.61
N ASN C 328 11.82 -13.08 -14.92
CA ASN C 328 12.45 -14.19 -15.61
C ASN C 328 13.88 -13.87 -15.92
N VAL C 329 14.77 -14.82 -15.66
CA VAL C 329 16.19 -14.64 -15.89
C VAL C 329 16.58 -15.48 -17.09
N TYR C 330 17.19 -14.86 -18.09
CA TYR C 330 17.63 -15.53 -19.30
C TYR C 330 19.11 -15.36 -19.53
N ASP C 331 19.75 -16.47 -19.96
CA ASP C 331 21.09 -16.43 -20.54
C ASP C 331 20.99 -16.06 -22.02
N ILE C 332 21.65 -14.98 -22.43
CA ILE C 332 21.68 -14.55 -23.83
C ILE C 332 23.07 -14.56 -24.43
N SER C 333 23.91 -15.46 -23.91
CA SER C 333 25.26 -15.67 -24.45
C SER C 333 25.24 -16.25 -25.87
N GLN C 334 24.14 -16.90 -26.23
CA GLN C 334 23.94 -17.38 -27.59
C GLN C 334 22.68 -16.75 -28.16
N PRO C 335 22.48 -16.80 -29.48
CA PRO C 335 21.34 -16.13 -30.09
C PRO C 335 19.97 -16.52 -29.56
N GLU C 336 19.73 -17.79 -29.22
CA GLU C 336 18.47 -18.17 -28.58
C GLU C 336 18.61 -17.98 -27.07
N PRO C 337 17.79 -17.12 -26.46
CA PRO C 337 17.84 -16.98 -25.00
C PRO C 337 17.45 -18.27 -24.33
N LYS C 338 18.10 -18.58 -23.21
CA LYS C 338 17.75 -19.74 -22.41
C LYS C 338 17.21 -19.29 -21.06
N LEU C 339 16.01 -19.75 -20.71
CA LEU C 339 15.39 -19.38 -19.44
C LEU C 339 16.07 -20.13 -18.31
N LEU C 340 16.58 -19.41 -17.33
CA LEU C 340 17.30 -20.02 -16.20
C LEU C 340 16.40 -20.22 -14.99
N ARG C 341 15.53 -19.25 -14.71
CA ARG C 341 14.64 -19.30 -13.57
C ARG C 341 13.65 -18.16 -13.60
N THR C 342 12.61 -18.29 -12.81
CA THR C 342 11.59 -17.25 -12.63
C THR C 342 11.55 -16.96 -11.14
N ILE C 343 11.63 -15.69 -10.80
CA ILE C 343 11.48 -15.22 -9.43
C ILE C 343 10.04 -14.76 -9.31
N GLU C 344 9.22 -15.53 -8.60
CA GLU C 344 7.82 -15.23 -8.48
C GLU C 344 7.56 -14.27 -7.35
N GLY C 345 6.62 -13.36 -7.57
CA GLY C 345 6.23 -12.44 -6.52
C GLY C 345 7.31 -11.43 -6.15
N ALA C 346 8.13 -11.04 -7.12
CA ALA C 346 9.15 -10.04 -6.93
C ALA C 346 8.56 -8.65 -6.71
N ALA C 347 7.33 -8.42 -7.16
CA ALA C 347 6.67 -7.12 -7.00
C ALA C 347 5.20 -7.34 -7.14
N GLU C 348 4.42 -6.38 -6.68
CA GLU C 348 2.99 -6.35 -6.97
C GLU C 348 2.65 -5.64 -8.26
N ALA C 349 3.41 -4.59 -8.58
CA ALA C 349 3.12 -3.77 -9.77
C ALA C 349 4.41 -3.10 -10.23
N SER C 350 5.28 -3.87 -10.86
CA SER C 350 6.52 -3.34 -11.36
C SER C 350 6.59 -3.36 -12.87
N LEU C 351 7.08 -2.28 -13.47
CA LEU C 351 7.36 -2.21 -14.90
C LEU C 351 8.83 -1.94 -15.17
N GLN C 352 9.68 -2.12 -14.17
CA GLN C 352 11.10 -1.83 -14.33
C GLN C 352 11.94 -2.71 -13.42
N VAL C 353 12.91 -3.39 -14.03
CA VAL C 353 13.96 -4.13 -13.32
C VAL C 353 15.29 -3.70 -13.91
N GLN C 354 16.29 -3.64 -13.03
CA GLN C 354 17.64 -3.21 -13.38
C GLN C 354 18.69 -4.07 -12.66
N PHE C 355 19.80 -4.35 -13.33
CA PHE C 355 20.94 -5.00 -12.68
C PHE C 355 21.76 -4.00 -11.88
N HIS C 356 22.41 -4.47 -10.81
CA HIS C 356 23.49 -3.70 -10.22
C HIS C 356 24.60 -3.54 -11.25
N PRO C 357 25.05 -2.30 -11.48
CA PRO C 357 26.15 -2.12 -12.42
C PRO C 357 27.43 -2.79 -11.97
N VAL C 358 28.15 -3.40 -12.91
CA VAL C 358 29.46 -3.99 -12.58
C VAL C 358 30.57 -3.38 -13.43
N GLY C 359 30.20 -2.56 -14.42
CA GLY C 359 31.15 -2.08 -15.43
C GLY C 359 32.00 -0.88 -15.03
N GLY C 360 31.70 -0.26 -13.90
CA GLY C 360 32.43 0.92 -13.43
C GLY C 360 32.21 2.18 -14.25
N ARG D 1 -19.07 19.78 -23.46
CA ARG D 1 -20.38 19.18 -23.09
C ARG D 1 -20.50 18.92 -21.58
N GLU D 2 -19.43 18.41 -20.99
CA GLU D 2 -19.40 18.04 -19.58
C GLU D 2 -18.21 18.69 -18.89
N VAL D 3 -18.32 18.82 -17.57
CA VAL D 3 -17.26 19.37 -16.76
C VAL D 3 -17.15 18.55 -15.48
N LEU D 4 -15.93 18.14 -15.12
CA LEU D 4 -15.70 17.41 -13.89
C LEU D 4 -15.69 18.38 -12.73
N THR D 5 -16.49 18.09 -11.72
CA THR D 5 -16.60 18.90 -10.54
C THR D 5 -16.28 18.11 -9.28
N GLY D 6 -15.83 18.83 -8.26
CA GLY D 6 -15.71 18.27 -6.92
C GLY D 6 -16.62 18.99 -5.95
N GLY D 7 -16.37 18.80 -4.66
CA GLY D 7 -17.16 19.42 -3.63
C GLY D 7 -18.42 18.66 -3.26
N HIS D 8 -18.57 17.44 -3.77
CA HIS D 8 -19.81 16.70 -3.60
C HIS D 8 -19.87 15.93 -2.30
N SER D 9 -21.08 15.69 -1.84
CA SER D 9 -21.33 14.89 -0.66
C SER D 9 -21.52 13.44 -1.00
N VAL D 10 -21.38 12.59 0.02
CA VAL D 10 -21.62 11.17 -0.11
C VAL D 10 -23.05 10.97 -0.66
N SER D 11 -23.19 10.06 -1.61
CA SER D 11 -24.42 9.93 -2.40
C SER D 11 -25.56 9.29 -1.61
N ALA D 12 -25.27 8.43 -0.64
CA ALA D 12 -26.28 7.71 0.15
C ALA D 12 -26.42 8.37 1.49
N PRO D 13 -27.61 8.31 2.10
CA PRO D 13 -27.80 9.01 3.37
C PRO D 13 -27.03 8.35 4.49
N GLN D 14 -26.82 9.11 5.57
CA GLN D 14 -26.00 8.64 6.67
C GLN D 14 -26.41 7.29 7.20
N GLU D 15 -27.74 7.07 7.30
CA GLU D 15 -28.27 5.86 7.88
C GLU D 15 -27.93 4.60 7.06
N ASN D 16 -27.42 4.77 5.84
CA ASN D 16 -27.02 3.63 5.03
C ASN D 16 -25.55 3.28 5.17
N ARG D 17 -24.79 4.11 5.88
CA ARG D 17 -23.34 4.06 5.78
C ARG D 17 -22.68 3.23 6.85
N ILE D 18 -21.61 2.54 6.45
CA ILE D 18 -20.73 1.82 7.34
C ILE D 18 -19.31 2.19 6.99
N TYR D 19 -18.42 1.97 7.95
CA TYR D 19 -17.01 2.35 7.84
C TYR D 19 -16.16 1.14 8.09
N VAL D 20 -15.40 0.74 7.08
CA VAL D 20 -14.54 -0.42 7.14
C VAL D 20 -13.13 0.12 7.26
N MET D 21 -12.51 -0.13 8.38
CA MET D 21 -11.19 0.40 8.64
C MET D 21 -10.16 -0.54 8.02
N ASP D 22 -9.58 -0.15 6.87
CA ASP D 22 -8.65 -1.03 6.16
C ASP D 22 -7.25 -0.70 6.64
N SER D 23 -6.67 -1.57 7.43
CA SER D 23 -5.29 -1.37 7.89
C SER D 23 -4.31 -1.42 6.71
N VAL D 24 -4.64 -2.15 5.65
CA VAL D 24 -3.70 -2.40 4.57
C VAL D 24 -2.35 -2.81 5.15
N PHE D 25 -2.35 -3.84 5.97
CA PHE D 25 -1.16 -4.24 6.69
C PHE D 25 0.02 -4.47 5.74
N MET D 26 -0.21 -4.99 4.53
CA MET D 26 0.87 -5.15 3.58
C MET D 26 1.54 -3.83 3.16
N HIS D 27 0.81 -2.72 3.30
CA HIS D 27 1.26 -1.38 3.00
C HIS D 27 0.69 -0.45 4.04
N LEU D 28 1.11 -0.67 5.29
CA LEU D 28 0.44 -0.11 6.45
C LEU D 28 0.52 1.41 6.51
N THR D 29 1.43 2.03 5.76
CA THR D 29 1.48 3.49 5.67
C THR D 29 0.38 4.09 4.82
N GLU D 30 -0.41 3.25 4.12
CA GLU D 30 -1.53 3.74 3.32
C GLU D 30 -2.85 3.12 3.78
N SER D 31 -2.99 2.97 5.07
CA SER D 31 -4.29 2.59 5.65
C SER D 31 -5.35 3.61 5.30
N ARG D 32 -6.60 3.18 5.33
CA ARG D 32 -7.68 4.10 4.98
C ARG D 32 -8.99 3.53 5.50
N VAL D 33 -9.97 4.41 5.59
CA VAL D 33 -11.34 4.02 5.89
C VAL D 33 -12.13 3.95 4.59
N HIS D 34 -12.79 2.81 4.36
CA HIS D 34 -13.68 2.66 3.22
C HIS D 34 -15.11 2.84 3.70
N VAL D 35 -15.84 3.71 3.02
CA VAL D 35 -17.24 4.01 3.36
C VAL D 35 -18.12 3.23 2.39
N TYR D 36 -19.02 2.43 2.93
CA TYR D 36 -19.91 1.59 2.13
C TYR D 36 -21.36 1.85 2.52
N ASP D 37 -22.24 1.55 1.57
CA ASP D 37 -23.68 1.50 1.83
C ASP D 37 -24.00 0.05 2.17
N TYR D 38 -24.40 -0.25 3.41
CA TYR D 38 -24.63 -1.64 3.78
C TYR D 38 -25.88 -2.22 3.13
N THR D 39 -26.77 -1.35 2.64
CA THR D 39 -28.06 -1.81 2.07
C THR D 39 -27.88 -2.41 0.68
N ASN D 40 -26.81 -2.04 -0.03
CA ASN D 40 -26.61 -2.54 -1.39
C ASN D 40 -25.15 -2.83 -1.76
N GLY D 41 -24.23 -2.69 -0.82
CA GLY D 41 -22.81 -2.96 -1.05
C GLY D 41 -22.06 -1.91 -1.85
N LYS D 42 -22.65 -0.75 -2.10
CA LYS D 42 -22.00 0.27 -2.94
C LYS D 42 -20.89 0.98 -2.17
N PHE D 43 -19.76 1.17 -2.83
CA PHE D 43 -18.66 1.93 -2.30
C PHE D 43 -18.98 3.41 -2.45
N LEU D 44 -18.87 4.13 -1.34
CA LEU D 44 -19.29 5.53 -1.27
C LEU D 44 -18.16 6.54 -1.18
N GLY D 45 -16.99 6.08 -0.75
CA GLY D 45 -15.86 7.00 -0.59
C GLY D 45 -14.89 6.45 0.42
N MET D 46 -13.92 7.29 0.78
CA MET D 46 -12.85 6.82 1.66
C MET D 46 -12.16 7.98 2.34
N VAL D 47 -11.49 7.69 3.45
CA VAL D 47 -10.71 8.68 4.16
C VAL D 47 -9.32 8.11 4.33
N PRO D 48 -8.29 8.80 3.80
CA PRO D 48 -6.92 8.29 3.98
C PRO D 48 -6.44 8.45 5.41
N THR D 49 -5.75 7.45 5.94
CA THR D 49 -5.34 7.48 7.34
C THR D 49 -3.88 7.09 7.58
N ALA D 50 -3.04 7.26 6.56
CA ALA D 50 -1.59 7.17 6.75
C ALA D 50 -1.20 5.88 7.45
N PHE D 51 -0.28 5.94 8.42
CA PHE D 51 0.23 4.73 9.03
C PHE D 51 -0.70 4.21 10.11
N ASN D 52 -1.28 3.03 9.92
CA ASN D 52 -2.06 2.37 10.96
C ASN D 52 -3.12 3.27 11.57
N GLY D 53 -3.99 3.77 10.72
CA GLY D 53 -5.07 4.63 11.19
C GLY D 53 -6.06 3.90 12.05
N HIS D 54 -6.67 4.65 12.98
CA HIS D 54 -7.85 4.23 13.72
C HIS D 54 -8.95 5.23 13.41
N VAL D 55 -10.20 4.81 13.58
CA VAL D 55 -11.31 5.61 13.17
C VAL D 55 -12.52 5.41 14.11
N GLN D 56 -13.28 6.49 14.27
CA GLN D 56 -14.59 6.40 14.90
C GLN D 56 -15.42 7.52 14.31
N VAL D 57 -16.73 7.42 14.47
CA VAL D 57 -17.61 8.46 14.04
C VAL D 57 -18.07 9.21 15.28
N SER D 58 -18.18 10.53 15.15
CA SER D 58 -18.67 11.33 16.27
C SER D 58 -20.06 10.83 16.67
N ASN D 59 -20.34 10.86 17.97
CA ASN D 59 -21.63 10.36 18.47
C ASN D 59 -22.82 11.06 17.82
N ASP D 60 -22.66 12.33 17.47
CA ASP D 60 -23.69 13.12 16.81
C ASP D 60 -23.78 12.89 15.30
N GLY D 61 -22.91 12.04 14.77
CA GLY D 61 -22.94 11.64 13.36
C GLY D 61 -22.50 12.67 12.33
N LYS D 62 -21.92 13.79 12.77
CA LYS D 62 -21.54 14.85 11.86
C LYS D 62 -20.11 14.72 11.34
N LYS D 63 -19.24 14.13 12.15
CA LYS D 63 -17.80 14.11 11.85
C LYS D 63 -17.25 12.69 11.93
N ILE D 64 -16.18 12.46 11.18
CA ILE D 64 -15.37 11.25 11.31
C ILE D 64 -14.08 11.66 12.03
N TYR D 65 -13.73 10.94 13.07
CA TYR D 65 -12.47 11.13 13.78
C TYR D 65 -11.50 10.05 13.34
N THR D 66 -10.30 10.44 12.94
CA THR D 66 -9.25 9.47 12.72
C THR D 66 -8.10 9.75 13.66
N MET D 67 -7.26 8.73 13.86
CA MET D 67 -6.06 8.85 14.66
C MET D 67 -4.96 8.19 13.85
N THR D 68 -3.84 8.88 13.68
CA THR D 68 -2.76 8.33 12.87
C THR D 68 -1.42 8.91 13.24
N THR D 69 -0.41 8.43 12.53
CA THR D 69 0.99 8.86 12.71
C THR D 69 1.56 9.23 11.37
N TYR D 70 2.17 10.41 11.31
CA TYR D 70 2.94 10.87 10.17
C TYR D 70 4.41 11.00 10.58
N HIS D 71 5.28 10.97 9.59
CA HIS D 71 6.64 11.47 9.78
C HIS D 71 6.98 12.34 8.59
N GLU D 72 7.91 13.27 8.79
CA GLU D 72 8.24 14.25 7.75
C GLU D 72 8.63 13.59 6.43
N ARG D 73 9.31 12.44 6.53
CA ARG D 73 9.71 11.69 5.36
C ARG D 73 9.30 10.21 5.47
N ILE D 74 8.20 9.97 6.18
CA ILE D 74 7.51 8.67 6.32
C ILE D 74 8.33 7.69 7.18
N THR D 75 9.46 7.24 6.66
CA THR D 75 10.35 6.29 7.30
C THR D 75 11.51 6.99 8.01
N ARG D 76 11.56 8.31 7.95
CA ARG D 76 12.52 9.09 8.73
C ARG D 76 11.89 10.46 9.00
N GLY D 77 12.53 11.24 9.85
CA GLY D 77 12.06 12.58 10.15
C GLY D 77 11.13 12.61 11.35
N LYS D 78 10.70 13.81 11.70
CA LYS D 78 9.98 14.00 12.94
C LYS D 78 8.59 13.36 12.87
N ARG D 79 8.21 12.72 13.98
CA ARG D 79 6.91 12.10 14.16
C ARG D 79 5.84 13.09 14.58
N SER D 80 4.67 12.96 13.96
CA SER D 80 3.47 13.66 14.40
C SER D 80 2.33 12.68 14.57
N ASP D 81 1.95 12.41 15.81
CA ASP D 81 0.73 11.66 16.10
C ASP D 81 -0.41 12.66 16.19
N VAL D 82 -1.55 12.34 15.56
CA VAL D 82 -2.65 13.28 15.47
C VAL D 82 -3.98 12.58 15.60
N VAL D 83 -4.97 13.35 16.02
CA VAL D 83 -6.38 13.10 15.70
C VAL D 83 -6.75 14.05 14.59
N GLU D 84 -7.47 13.57 13.58
CA GLU D 84 -8.03 14.43 12.56
C GLU D 84 -9.55 14.39 12.62
N VAL D 85 -10.13 15.55 12.41
CA VAL D 85 -11.58 15.68 12.31
C VAL D 85 -11.91 15.92 10.85
N TRP D 86 -12.77 15.07 10.30
CA TRP D 86 -13.21 15.08 8.92
C TRP D 86 -14.73 15.29 8.89
N ASP D 87 -15.20 16.03 7.90
CA ASP D 87 -16.63 16.14 7.72
C ASP D 87 -17.19 14.82 7.21
N ALA D 88 -18.26 14.31 7.84
CA ALA D 88 -18.77 13.01 7.42
C ALA D 88 -19.44 13.02 6.06
N ASP D 89 -20.11 14.11 5.69
CA ASP D 89 -20.84 14.11 4.44
C ASP D 89 -19.96 14.47 3.25
N LYS D 90 -18.98 15.36 3.44
CA LYS D 90 -18.08 15.75 2.37
C LYS D 90 -16.81 14.89 2.31
N LEU D 91 -16.53 14.13 3.37
CA LEU D 91 -15.29 13.32 3.52
C LEU D 91 -14.06 14.18 3.25
N THR D 92 -14.04 15.33 3.89
CA THR D 92 -12.96 16.30 3.77
C THR D 92 -12.34 16.57 5.14
N PHE D 93 -11.04 16.84 5.11
CA PHE D 93 -10.28 17.17 6.28
C PHE D 93 -10.65 18.56 6.79
N GLU D 94 -10.87 18.66 8.10
CA GLU D 94 -11.16 19.93 8.74
C GLU D 94 -10.09 20.42 9.71
N LYS D 95 -9.64 19.55 10.61
CA LYS D 95 -8.79 19.95 11.73
C LYS D 95 -7.87 18.81 12.14
N GLU D 96 -6.64 19.17 12.51
CA GLU D 96 -5.69 18.29 13.11
C GLU D 96 -5.51 18.68 14.55
N ILE D 97 -5.50 17.70 15.43
CA ILE D 97 -5.23 17.88 16.86
C ILE D 97 -3.96 17.11 17.20
N SER D 98 -2.95 17.81 17.68
CA SER D 98 -1.66 17.21 17.99
C SER D 98 -1.76 16.37 19.24
N LEU D 99 -1.17 15.17 19.18
CA LEU D 99 -1.03 14.27 20.32
C LEU D 99 0.44 14.14 20.66
N PRO D 100 0.74 13.75 21.91
CA PRO D 100 2.11 13.34 22.19
C PRO D 100 2.44 12.08 21.38
N PRO D 101 3.72 11.89 21.03
CA PRO D 101 4.10 10.81 20.11
C PRO D 101 4.13 9.42 20.73
N LYS D 102 2.98 9.02 21.25
CA LYS D 102 2.82 7.73 21.89
C LYS D 102 1.41 7.16 21.70
N ARG D 103 0.66 7.64 20.71
CA ARG D 103 -0.66 7.05 20.46
C ARG D 103 -0.47 5.58 20.12
N VAL D 104 -1.40 4.74 20.55
CA VAL D 104 -1.26 3.32 20.29
C VAL D 104 -1.18 3.00 18.80
N GLN D 105 -0.15 2.27 18.43
CA GLN D 105 0.01 1.67 17.11
C GLN D 105 -0.27 0.21 17.29
N GLY D 106 -1.32 -0.24 16.63
CA GLY D 106 -1.77 -1.61 16.77
C GLY D 106 -3.04 -1.86 16.03
N LEU D 107 -3.48 -3.11 16.07
CA LEU D 107 -4.66 -3.53 15.35
C LEU D 107 -5.90 -2.84 15.91
N ASN D 108 -6.96 -2.79 15.09
CA ASN D 108 -8.09 -1.91 15.28
C ASN D 108 -9.17 -2.45 16.21
N TYR D 109 -8.82 -2.69 17.46
CA TYR D 109 -9.84 -2.93 18.48
C TYR D 109 -10.61 -1.66 18.75
N ASP D 110 -11.93 -1.73 18.94
CA ASP D 110 -12.74 -0.56 19.21
C ASP D 110 -12.20 0.24 20.39
N GLY D 111 -11.79 -0.46 21.45
CA GLY D 111 -11.47 0.22 22.71
C GLY D 111 -10.20 1.04 22.69
N LEU D 112 -9.46 1.08 21.59
CA LEU D 112 -8.25 1.88 21.53
C LEU D 112 -8.54 3.35 21.16
N PHE D 113 -9.74 3.66 20.69
CA PHE D 113 -10.04 4.98 20.18
C PHE D 113 -11.54 5.17 20.29
N ARG D 114 -11.97 5.86 21.35
CA ARG D 114 -13.36 5.95 21.74
C ARG D 114 -13.70 7.40 22.08
N GLN D 115 -14.88 7.63 22.61
CA GLN D 115 -15.29 8.97 23.02
C GLN D 115 -16.22 8.85 24.19
N THR D 116 -16.32 9.93 24.96
CA THR D 116 -17.26 9.95 26.08
C THR D 116 -18.67 9.91 25.51
N THR D 117 -19.61 9.45 26.34
CA THR D 117 -21.00 9.38 25.92
C THR D 117 -21.53 10.72 25.44
N ASP D 118 -21.13 11.81 26.09
CA ASP D 118 -21.60 13.13 25.68
C ASP D 118 -20.93 13.69 24.41
N GLY D 119 -19.94 12.95 23.89
CA GLY D 119 -19.26 13.32 22.66
C GLY D 119 -18.24 14.45 22.80
N LYS D 120 -18.03 14.94 24.01
CA LYS D 120 -17.19 16.12 24.18
C LYS D 120 -15.70 15.77 24.14
N PHE D 121 -15.35 14.55 24.56
CA PHE D 121 -13.95 14.14 24.64
C PHE D 121 -13.73 12.86 23.86
N ILE D 122 -12.64 12.86 23.11
CA ILE D 122 -12.08 11.65 22.55
C ILE D 122 -11.17 11.04 23.59
N VAL D 123 -11.25 9.74 23.75
CA VAL D 123 -10.54 9.02 24.77
C VAL D 123 -9.81 7.91 24.07
N LEU D 124 -8.49 7.98 24.09
CA LEU D 124 -7.65 7.10 23.27
C LEU D 124 -6.56 6.42 24.10
N GLN D 125 -6.08 5.29 23.63
CA GLN D 125 -5.03 4.56 24.31
C GLN D 125 -3.64 5.00 23.82
N ASN D 126 -2.75 5.26 24.77
CA ASN D 126 -1.34 5.50 24.51
C ASN D 126 -0.49 4.33 24.95
N ALA D 127 0.66 4.20 24.30
CA ALA D 127 1.63 3.20 24.72
C ALA D 127 3.00 3.67 24.26
N SER D 128 3.90 3.82 25.22
CA SER D 128 5.25 4.36 24.96
C SER D 128 6.51 3.50 25.15
N PRO D 129 6.43 2.24 25.61
CA PRO D 129 5.32 1.31 25.82
C PRO D 129 4.54 1.44 27.13
N ALA D 130 4.96 2.27 28.07
CA ALA D 130 4.12 2.51 29.24
C ALA D 130 2.77 2.98 28.77
N THR D 131 1.72 2.50 29.42
CA THR D 131 0.38 2.82 28.97
C THR D 131 -0.25 3.94 29.78
N SER D 132 -1.03 4.75 29.09
CA SER D 132 -1.82 5.80 29.70
C SER D 132 -2.97 6.06 28.75
N ILE D 133 -3.99 6.77 29.21
CA ILE D 133 -5.12 7.12 28.39
C ILE D 133 -5.04 8.58 28.07
N GLY D 134 -5.18 8.95 26.80
CA GLY D 134 -5.19 10.34 26.41
C GLY D 134 -6.58 10.90 26.23
N ILE D 135 -6.78 12.14 26.64
CA ILE D 135 -8.04 12.83 26.53
C ILE D 135 -7.90 14.03 25.62
N VAL D 136 -8.75 14.11 24.59
CA VAL D 136 -8.78 15.17 23.62
C VAL D 136 -10.10 15.93 23.72
N ASP D 137 -10.01 17.25 23.89
CA ASP D 137 -11.19 18.10 23.89
C ASP D 137 -11.45 18.46 22.44
N VAL D 138 -12.52 17.91 21.85
CA VAL D 138 -12.71 18.01 20.40
C VAL D 138 -12.92 19.45 19.92
N ALA D 139 -13.82 20.15 20.59
CA ALA D 139 -14.18 21.53 20.23
C ALA D 139 -13.00 22.49 20.40
N LYS D 140 -12.29 22.37 21.52
CA LYS D 140 -11.09 23.19 21.74
C LYS D 140 -9.94 22.77 20.84
N GLY D 141 -9.92 21.51 20.41
CA GLY D 141 -8.87 20.99 19.54
C GLY D 141 -7.58 20.79 20.30
N ASP D 142 -7.72 20.39 21.56
CA ASP D 142 -6.58 20.29 22.48
C ASP D 142 -6.47 18.90 23.07
N TYR D 143 -5.23 18.50 23.33
CA TYR D 143 -4.93 17.35 24.14
C TYR D 143 -4.94 17.80 25.59
N VAL D 144 -5.82 17.26 26.39
CA VAL D 144 -5.91 17.71 27.78
C VAL D 144 -4.68 17.14 28.49
N GLU D 145 -4.75 15.94 29.07
CA GLU D 145 -3.53 15.35 29.60
C GLU D 145 -3.65 13.83 29.62
N ASP D 146 -2.56 13.18 30.05
CA ASP D 146 -2.47 11.75 30.20
C ASP D 146 -3.14 11.33 31.46
N VAL D 147 -3.94 10.29 31.37
CA VAL D 147 -4.45 9.61 32.54
C VAL D 147 -3.40 8.55 32.89
N THR D 148 -2.40 8.98 33.66
CA THR D 148 -1.32 8.13 34.13
C THR D 148 -1.81 7.09 35.11
N ALA D 149 -2.95 7.34 35.75
CA ALA D 149 -3.56 6.38 36.66
C ALA D 149 -3.86 5.04 35.99
N ALA D 150 -3.99 5.07 34.66
CA ALA D 150 -4.30 3.87 33.89
C ALA D 150 -3.06 3.08 33.48
N ALA D 151 -1.89 3.44 33.97
CA ALA D 151 -0.69 2.62 33.73
C ALA D 151 -0.93 1.16 34.10
N GLY D 152 -0.50 0.25 33.24
CA GLY D 152 -0.72 -1.18 33.44
C GLY D 152 -2.14 -1.66 33.11
N CYS D 153 -2.94 -0.76 32.54
CA CYS D 153 -4.27 -1.11 32.06
C CYS D 153 -4.29 -0.98 30.54
N TRP D 154 -5.42 -1.36 29.95
CA TRP D 154 -5.55 -1.39 28.49
C TRP D 154 -6.98 -1.28 28.05
N SER D 155 -7.20 -0.35 27.13
CA SER D 155 -8.42 -0.12 26.38
C SER D 155 -9.46 0.68 27.12
N VAL D 156 -10.40 1.25 26.37
CA VAL D 156 -11.35 2.22 26.88
C VAL D 156 -12.75 1.70 26.66
N ILE D 157 -13.50 1.56 27.75
CA ILE D 157 -14.90 1.15 27.67
C ILE D 157 -15.75 2.29 28.21
N PRO D 158 -16.36 3.08 27.34
CA PRO D 158 -17.18 4.16 27.86
C PRO D 158 -18.36 3.62 28.63
N GLN D 159 -18.81 4.38 29.61
CA GLN D 159 -20.02 4.04 30.35
C GLN D 159 -21.19 4.78 29.70
N PRO D 160 -22.07 4.05 29.00
CA PRO D 160 -23.14 4.76 28.32
C PRO D 160 -24.21 5.45 29.19
N ASN D 161 -24.18 5.20 30.49
CA ASN D 161 -25.15 5.83 31.41
C ASN D 161 -24.62 7.10 32.07
N ARG D 162 -23.39 7.52 31.73
CA ARG D 162 -22.79 8.74 32.29
C ARG D 162 -22.14 9.52 31.17
N PRO D 163 -22.08 10.85 31.29
CA PRO D 163 -21.63 11.73 30.20
C PRO D 163 -20.14 11.68 29.87
N ARG D 164 -19.31 11.50 30.88
CA ARG D 164 -17.86 11.56 30.67
C ARG D 164 -17.14 10.63 31.62
N SER D 165 -17.55 9.37 31.61
CA SER D 165 -16.95 8.31 32.37
C SER D 165 -16.60 7.13 31.47
N PHE D 166 -15.51 6.48 31.80
CA PHE D 166 -15.12 5.26 31.11
C PHE D 166 -14.35 4.36 32.02
N MET D 167 -14.18 3.11 31.61
CA MET D 167 -13.44 2.11 32.32
C MET D 167 -12.30 1.59 31.47
N THR D 168 -11.32 0.99 32.13
CA THR D 168 -10.24 0.29 31.48
C THR D 168 -9.92 -1.00 32.23
N ILE D 169 -9.38 -1.98 31.54
CA ILE D 169 -9.08 -3.29 32.10
C ILE D 169 -7.65 -3.29 32.58
N CYS D 170 -7.43 -3.64 33.84
CA CYS D 170 -6.09 -3.56 34.40
C CYS D 170 -5.43 -4.92 34.64
N GLY D 171 -4.12 -4.89 34.77
CA GLY D 171 -3.33 -6.10 34.92
C GLY D 171 -3.62 -6.88 36.20
N ASP D 172 -4.36 -6.29 37.12
CA ASP D 172 -4.77 -6.97 38.34
C ASP D 172 -6.04 -7.78 38.14
N GLY D 173 -6.62 -7.71 36.94
CA GLY D 173 -7.86 -8.41 36.64
C GLY D 173 -9.10 -7.66 37.05
N GLY D 174 -8.93 -6.41 37.45
CA GLY D 174 -10.04 -5.53 37.73
C GLY D 174 -10.18 -4.42 36.71
N LEU D 175 -11.13 -3.53 36.98
CA LEU D 175 -11.42 -2.41 36.13
C LEU D 175 -11.15 -1.11 36.88
N LEU D 176 -10.56 -0.16 36.19
CA LEU D 176 -10.37 1.20 36.68
C LEU D 176 -11.38 2.08 35.99
N THR D 177 -12.19 2.81 36.77
CA THR D 177 -13.18 3.73 36.28
C THR D 177 -12.61 5.15 36.41
N ILE D 178 -12.70 5.93 35.35
CA ILE D 178 -12.27 7.31 35.33
C ILE D 178 -13.47 8.19 35.05
N ASN D 179 -13.67 9.22 35.88
CA ASN D 179 -14.72 10.19 35.66
C ASN D 179 -14.09 11.54 35.37
N LEU D 180 -14.38 12.14 34.21
CA LEU D 180 -13.76 13.38 33.82
C LEU D 180 -14.59 14.59 34.26
N GLY D 181 -13.92 15.69 34.54
CA GLY D 181 -14.59 16.97 34.75
C GLY D 181 -14.88 17.62 33.42
N GLU D 182 -15.52 18.78 33.45
CA GLU D 182 -15.97 19.45 32.25
C GLU D 182 -14.80 19.95 31.40
N ASP D 183 -13.61 20.00 32.01
CA ASP D 183 -12.39 20.39 31.32
C ASP D 183 -11.64 19.21 30.70
N GLY D 184 -12.10 17.99 30.97
CA GLY D 184 -11.44 16.80 30.47
C GLY D 184 -10.38 16.20 31.37
N LYS D 185 -10.11 16.83 32.51
CA LYS D 185 -9.19 16.25 33.48
C LYS D 185 -9.90 15.23 34.36
N VAL D 186 -9.13 14.34 34.98
CA VAL D 186 -9.71 13.36 35.88
C VAL D 186 -10.28 14.10 37.09
N ALA D 187 -11.57 13.89 37.33
CA ALA D 187 -12.26 14.45 38.51
C ALA D 187 -12.30 13.43 39.63
N SER D 188 -12.46 12.16 39.29
CA SER D 188 -12.39 11.09 40.27
C SER D 188 -12.14 9.78 39.58
N GLN D 189 -11.76 8.78 40.37
CA GLN D 189 -11.53 7.43 39.85
C GLN D 189 -11.88 6.40 40.89
N SER D 190 -12.09 5.16 40.46
CA SER D 190 -12.30 4.05 41.37
C SER D 190 -11.83 2.75 40.74
N ARG D 191 -11.46 1.80 41.58
CA ARG D 191 -10.95 0.51 41.14
C ARG D 191 -11.87 -0.58 41.67
N SER D 192 -12.32 -1.47 40.81
CA SER D 192 -13.18 -2.56 41.20
C SER D 192 -12.38 -3.64 41.91
N LYS D 193 -13.09 -4.61 42.46
CA LYS D 193 -12.48 -5.83 42.95
C LYS D 193 -12.05 -6.64 41.73
N GLN D 194 -11.22 -7.65 41.93
CA GLN D 194 -10.78 -8.49 40.83
C GLN D 194 -11.99 -9.14 40.17
N MET D 195 -12.12 -8.95 38.86
CA MET D 195 -13.18 -9.59 38.07
C MET D 195 -12.76 -10.98 37.54
N PHE D 196 -11.56 -11.08 37.00
CA PHE D 196 -11.06 -12.31 36.38
C PHE D 196 -9.60 -12.57 36.74
N SER D 197 -9.18 -13.83 36.68
CA SER D 197 -7.79 -14.20 36.87
C SER D 197 -7.05 -13.99 35.57
N VAL D 198 -6.10 -13.08 35.57
CA VAL D 198 -5.28 -12.84 34.41
C VAL D 198 -4.54 -14.11 34.00
N LYS D 199 -4.02 -14.84 34.98
CA LYS D 199 -3.29 -16.08 34.72
C LYS D 199 -4.21 -17.21 34.24
N ASP D 200 -5.33 -17.42 34.92
CA ASP D 200 -6.09 -18.66 34.72
C ASP D 200 -7.28 -18.54 33.78
N ASP D 201 -7.80 -17.33 33.57
CA ASP D 201 -8.97 -17.15 32.73
C ASP D 201 -8.98 -15.77 32.07
N PRO D 202 -7.96 -15.51 31.23
CA PRO D 202 -7.87 -14.17 30.65
C PRO D 202 -9.07 -13.88 29.79
N ILE D 203 -9.57 -12.66 29.88
CA ILE D 203 -10.68 -12.22 29.04
C ILE D 203 -10.19 -11.51 27.76
N PHE D 204 -11.02 -11.58 26.74
CA PHE D 204 -10.86 -10.75 25.56
C PHE D 204 -11.23 -9.34 25.98
N ILE D 205 -10.54 -8.35 25.45
CA ILE D 205 -10.86 -6.98 25.85
C ILE D 205 -12.16 -6.44 25.30
N ALA D 206 -12.68 -7.02 24.22
CA ALA D 206 -13.83 -6.48 23.55
C ALA D 206 -15.07 -6.61 24.44
N PRO D 207 -15.73 -5.50 24.79
CA PRO D 207 -16.90 -5.65 25.64
C PRO D 207 -18.14 -5.96 24.86
N ALA D 208 -19.05 -6.68 25.50
CA ALA D 208 -20.44 -6.73 25.05
C ALA D 208 -21.16 -5.72 25.92
N LEU D 209 -21.36 -4.52 25.39
CA LEU D 209 -21.60 -3.34 26.20
C LEU D 209 -23.08 -3.00 26.26
N ASP D 210 -23.62 -2.99 27.47
CA ASP D 210 -24.99 -2.54 27.69
C ASP D 210 -24.95 -1.09 28.20
N LYS D 211 -26.12 -0.51 28.46
CA LYS D 211 -26.17 0.88 28.94
C LYS D 211 -25.52 1.06 30.31
N ASP D 212 -25.63 0.04 31.16
CA ASP D 212 -25.15 0.13 32.54
C ASP D 212 -24.35 -1.08 33.00
N LYS D 213 -24.00 -1.96 32.06
CA LYS D 213 -23.12 -3.06 32.34
C LYS D 213 -22.38 -3.51 31.08
N ALA D 214 -21.27 -4.20 31.29
CA ALA D 214 -20.49 -4.77 30.20
C ALA D 214 -20.21 -6.23 30.52
N HIS D 215 -20.30 -7.10 29.50
CA HIS D 215 -19.91 -8.48 29.61
C HIS D 215 -18.64 -8.73 28.80
N PHE D 216 -17.84 -9.68 29.26
CA PHE D 216 -16.58 -10.03 28.61
C PHE D 216 -16.50 -11.54 28.53
N VAL D 217 -16.01 -12.08 27.42
CA VAL D 217 -15.76 -13.50 27.31
C VAL D 217 -14.29 -13.82 27.48
N SER D 218 -14.01 -15.03 27.92
CA SER D 218 -12.67 -15.46 28.21
C SER D 218 -12.11 -16.42 27.17
N TYR D 219 -10.81 -16.64 27.24
CA TYR D 219 -10.10 -17.55 26.35
C TYR D 219 -10.69 -18.96 26.43
N TYR D 220 -11.30 -19.30 27.57
CA TYR D 220 -11.84 -20.63 27.82
C TYR D 220 -13.36 -20.69 27.76
N GLY D 221 -13.99 -19.61 27.29
CA GLY D 221 -15.42 -19.58 27.05
C GLY D 221 -16.28 -19.29 28.28
N ASN D 222 -15.71 -18.58 29.25
CA ASN D 222 -16.47 -18.06 30.37
C ASN D 222 -16.89 -16.64 30.11
N VAL D 223 -17.86 -16.18 30.87
CA VAL D 223 -18.38 -14.85 30.77
C VAL D 223 -18.26 -14.15 32.11
N TYR D 224 -17.74 -12.92 32.07
CA TYR D 224 -17.65 -12.06 33.24
C TYR D 224 -18.45 -10.81 33.00
N SER D 225 -18.85 -10.13 34.08
CA SER D 225 -19.53 -8.87 33.91
C SER D 225 -19.09 -7.79 34.92
N ALA D 226 -19.23 -6.56 34.46
CA ALA D 226 -18.96 -5.37 35.24
C ALA D 226 -20.22 -4.53 35.20
N ASP D 227 -20.86 -4.37 36.35
CA ASP D 227 -22.11 -3.62 36.42
C ASP D 227 -21.79 -2.22 36.95
N PHE D 228 -22.10 -1.20 36.17
CA PHE D 228 -21.81 0.19 36.57
C PHE D 228 -23.08 1.03 36.69
N SER D 229 -24.18 0.38 37.09
CA SER D 229 -25.42 1.09 37.35
C SER D 229 -25.38 1.90 38.66
N GLY D 230 -24.58 1.44 39.62
CA GLY D 230 -24.40 2.16 40.91
C GLY D 230 -23.15 3.01 40.86
N ASP D 231 -22.76 3.64 41.97
CA ASP D 231 -21.60 4.54 41.90
C ASP D 231 -20.26 3.81 41.88
N GLU D 232 -20.22 2.55 42.29
CA GLU D 232 -19.03 1.72 42.17
C GLU D 232 -19.35 0.49 41.29
N VAL D 233 -18.34 0.05 40.55
CA VAL D 233 -18.50 -1.09 39.65
C VAL D 233 -18.56 -2.37 40.47
N LYS D 234 -19.56 -3.20 40.16
CA LYS D 234 -19.71 -4.52 40.77
C LYS D 234 -19.37 -5.57 39.72
N VAL D 235 -18.48 -6.49 40.06
CA VAL D 235 -18.00 -7.48 39.10
C VAL D 235 -18.50 -8.88 39.44
N ASP D 236 -18.59 -9.73 38.43
CA ASP D 236 -19.14 -11.05 38.61
C ASP D 236 -18.65 -11.97 37.51
N GLY D 237 -18.89 -13.26 37.73
CA GLY D 237 -18.46 -14.33 36.85
C GLY D 237 -17.40 -15.21 37.50
N PRO D 238 -17.08 -16.34 36.86
CA PRO D 238 -17.59 -16.71 35.54
C PRO D 238 -18.92 -17.45 35.50
N TRP D 239 -19.65 -17.33 34.38
CA TRP D 239 -20.58 -18.37 33.93
C TRP D 239 -20.12 -18.83 32.56
N SER D 240 -20.37 -20.09 32.23
CA SER D 240 -19.85 -20.69 31.00
C SER D 240 -20.78 -20.56 29.81
N LEU D 241 -20.21 -20.24 28.66
CA LEU D 241 -20.91 -20.28 27.39
C LEU D 241 -21.22 -21.71 26.95
N LEU D 242 -20.57 -22.69 27.58
CA LEU D 242 -20.47 -24.04 27.05
C LEU D 242 -21.36 -25.02 27.81
N ASN D 243 -22.04 -25.90 27.08
CA ASN D 243 -22.69 -27.07 27.68
C ASN D 243 -21.73 -28.25 27.57
N ASP D 244 -22.14 -29.45 28.04
CA ASP D 244 -21.22 -30.60 28.04
C ASP D 244 -20.71 -30.96 26.66
N GLU D 245 -21.63 -30.94 25.69
CA GLU D 245 -21.28 -31.32 24.33
C GLU D 245 -20.25 -30.32 23.77
N ASP D 246 -20.51 -29.04 24.03
CA ASP D 246 -19.60 -27.94 23.65
C ASP D 246 -18.21 -28.14 24.25
N LYS D 247 -18.17 -28.39 25.56
CA LYS D 247 -16.90 -28.66 26.23
C LYS D 247 -16.18 -29.87 25.66
N ALA D 248 -16.93 -30.92 25.34
CA ALA D 248 -16.33 -32.14 24.83
C ALA D 248 -15.63 -31.92 23.48
N LYS D 249 -16.14 -30.96 22.71
CA LYS D 249 -15.50 -30.60 21.43
C LYS D 249 -14.64 -29.34 21.52
N ASN D 250 -14.39 -28.87 22.75
CA ASN D 250 -13.43 -27.79 23.01
C ASN D 250 -13.77 -26.49 22.31
N TRP D 251 -15.05 -26.16 22.26
CA TRP D 251 -15.48 -24.89 21.72
C TRP D 251 -15.01 -23.75 22.63
N VAL D 252 -14.40 -22.74 22.01
CA VAL D 252 -13.95 -21.53 22.71
C VAL D 252 -14.15 -20.34 21.80
N PRO D 253 -14.15 -19.13 22.36
CA PRO D 253 -14.23 -17.94 21.51
C PRO D 253 -12.96 -17.68 20.77
N GLY D 254 -13.09 -16.94 19.69
CA GLY D 254 -11.94 -16.45 18.96
C GLY D 254 -12.29 -15.32 18.06
N GLY D 255 -11.34 -14.38 17.91
CA GLY D 255 -11.51 -13.24 17.04
C GLY D 255 -10.87 -12.02 17.65
N TYR D 256 -11.27 -10.87 17.16
CA TYR D 256 -10.70 -9.60 17.58
C TYR D 256 -11.81 -8.78 18.24
N ASN D 257 -12.59 -8.03 17.47
CA ASN D 257 -13.81 -7.37 18.00
C ASN D 257 -14.91 -8.43 17.97
N LEU D 258 -14.80 -9.39 18.88
CA LEU D 258 -15.41 -10.71 18.69
C LEU D 258 -16.78 -10.89 19.34
N VAL D 259 -17.27 -9.87 20.03
CA VAL D 259 -18.57 -9.93 20.71
C VAL D 259 -19.38 -8.69 20.47
N GLY D 260 -20.67 -8.81 20.75
CA GLY D 260 -21.61 -7.72 20.62
C GLY D 260 -22.78 -7.99 21.51
N LEU D 261 -23.51 -6.94 21.86
CA LEU D 261 -24.69 -7.10 22.68
C LEU D 261 -25.80 -6.37 22.01
N HIS D 262 -26.94 -7.04 21.88
CA HIS D 262 -28.15 -6.42 21.46
C HIS D 262 -28.85 -5.99 22.74
N ARG D 263 -28.83 -4.69 23.01
CA ARG D 263 -29.21 -4.19 24.34
C ARG D 263 -30.67 -4.43 24.70
N ALA D 264 -31.57 -4.26 23.74
CA ALA D 264 -33.01 -4.39 24.03
C ALA D 264 -33.39 -5.80 24.44
N SER D 265 -32.71 -6.82 23.89
CA SER D 265 -33.06 -8.21 24.17
C SER D 265 -32.14 -8.87 25.17
N GLY D 266 -30.96 -8.28 25.41
CA GLY D 266 -29.93 -8.92 26.19
C GLY D 266 -29.21 -10.05 25.49
N ARG D 267 -29.37 -10.15 24.17
CA ARG D 267 -28.65 -11.19 23.42
C ARG D 267 -27.19 -10.77 23.20
N MET D 268 -26.29 -11.68 23.52
CA MET D 268 -24.86 -11.47 23.28
C MET D 268 -24.40 -12.39 22.14
N TYR D 269 -23.62 -11.81 21.22
CA TYR D 269 -23.16 -12.48 20.02
C TYR D 269 -21.68 -12.74 20.20
N VAL D 270 -21.23 -13.96 19.89
CA VAL D 270 -19.85 -14.33 20.09
C VAL D 270 -19.36 -15.26 19.00
N PHE D 271 -18.19 -14.96 18.47
CA PHE D 271 -17.54 -15.87 17.55
C PHE D 271 -16.88 -17.02 18.30
N MET D 272 -17.13 -18.24 17.82
CA MET D 272 -16.66 -19.45 18.44
C MET D 272 -16.06 -20.41 17.43
N HIS D 273 -15.14 -21.24 17.90
CA HIS D 273 -14.60 -22.32 17.09
C HIS D 273 -14.32 -23.53 17.95
N PRO D 274 -14.34 -24.72 17.33
CA PRO D 274 -14.04 -25.96 18.04
C PRO D 274 -12.55 -26.22 18.18
N ASP D 275 -12.18 -27.26 18.91
CA ASP D 275 -10.80 -27.69 19.06
C ASP D 275 -9.90 -26.58 19.58
N GLY D 276 -10.45 -25.84 20.53
CA GLY D 276 -9.73 -24.79 21.21
C GLY D 276 -8.57 -25.33 21.99
N LYS D 277 -7.49 -24.57 22.02
CA LYS D 277 -6.32 -24.89 22.80
C LYS D 277 -5.46 -23.63 22.83
N GLU D 278 -4.36 -23.69 23.56
CA GLU D 278 -3.45 -22.57 23.65
C GLU D 278 -3.07 -22.14 22.23
N GLY D 279 -3.30 -20.87 21.93
CA GLY D 279 -2.92 -20.30 20.65
C GLY D 279 -4.05 -20.13 19.65
N THR D 280 -5.29 -20.45 20.01
CA THR D 280 -6.40 -20.37 19.04
C THR D 280 -7.34 -19.21 19.28
N HIS D 281 -6.96 -18.26 20.13
CA HIS D 281 -7.89 -17.21 20.54
C HIS D 281 -8.18 -16.15 19.48
N LYS D 282 -7.42 -16.16 18.37
CA LYS D 282 -7.70 -15.23 17.26
C LYS D 282 -8.13 -15.99 16.00
N PHE D 283 -8.53 -17.25 16.16
CA PHE D 283 -8.99 -18.05 15.02
C PHE D 283 -10.30 -17.49 14.50
N PRO D 284 -10.49 -17.55 13.17
CA PRO D 284 -11.78 -17.22 12.59
C PRO D 284 -12.95 -18.04 13.18
N ALA D 285 -14.13 -17.44 13.11
CA ALA D 285 -15.34 -18.06 13.63
C ALA D 285 -15.76 -19.23 12.78
N ALA D 286 -15.85 -20.42 13.39
CA ALA D 286 -16.59 -21.53 12.80
C ALA D 286 -18.07 -21.23 12.91
N GLU D 287 -18.47 -20.61 14.02
CA GLU D 287 -19.87 -20.27 14.24
C GLU D 287 -20.02 -18.94 14.96
N ILE D 288 -21.20 -18.36 14.84
CA ILE D 288 -21.63 -17.29 15.74
C ILE D 288 -22.62 -17.90 16.72
N TRP D 289 -22.36 -17.76 18.01
CA TRP D 289 -23.35 -18.14 19.03
C TRP D 289 -24.07 -16.91 19.54
N VAL D 290 -25.35 -17.08 19.81
CA VAL D 290 -26.22 -16.05 20.34
C VAL D 290 -26.66 -16.52 21.73
N MET D 291 -26.28 -15.75 22.74
CA MET D 291 -26.55 -16.09 24.14
C MET D 291 -27.57 -15.13 24.73
N ASP D 292 -28.53 -15.65 25.49
CA ASP D 292 -29.37 -14.83 26.32
C ASP D 292 -28.60 -14.60 27.65
N THR D 293 -28.20 -13.36 27.89
CA THR D 293 -27.40 -13.02 29.07
C THR D 293 -28.21 -13.05 30.36
N LYS D 294 -29.53 -13.05 30.27
CA LYS D 294 -30.38 -13.19 31.46
C LYS D 294 -30.50 -14.65 31.87
N THR D 295 -30.83 -15.51 30.91
CA THR D 295 -30.98 -16.95 31.17
C THR D 295 -29.65 -17.71 31.17
N LYS D 296 -28.61 -17.10 30.59
CA LYS D 296 -27.27 -17.69 30.49
C LYS D 296 -27.29 -18.99 29.67
N GLN D 297 -28.15 -19.00 28.66
CA GLN D 297 -28.31 -20.12 27.75
C GLN D 297 -28.08 -19.65 26.32
N ARG D 298 -27.57 -20.56 25.48
CA ARG D 298 -27.45 -20.30 24.04
C ARG D 298 -28.82 -20.40 23.39
N VAL D 299 -29.21 -19.40 22.61
CA VAL D 299 -30.48 -19.40 21.89
C VAL D 299 -30.35 -19.60 20.37
N ALA D 300 -29.14 -19.49 19.83
CA ALA D 300 -28.92 -19.78 18.41
C ALA D 300 -27.46 -20.02 18.13
N ARG D 301 -27.20 -20.76 17.06
CA ARG D 301 -25.87 -20.94 16.55
C ARG D 301 -25.97 -21.02 15.03
N ILE D 302 -25.10 -20.27 14.35
CA ILE D 302 -25.13 -20.20 12.89
C ILE D 302 -23.70 -20.20 12.35
N PRO D 303 -23.52 -20.51 11.05
CA PRO D 303 -22.18 -20.54 10.48
C PRO D 303 -21.44 -19.20 10.64
N GLY D 304 -20.14 -19.27 10.91
CA GLY D 304 -19.32 -18.10 11.22
C GLY D 304 -18.82 -17.33 10.02
N ARG D 305 -18.80 -17.96 8.84
CA ARG D 305 -18.25 -17.37 7.62
C ARG D 305 -16.83 -16.84 7.85
N ASP D 306 -16.07 -17.53 8.70
CA ASP D 306 -14.68 -17.16 9.02
C ASP D 306 -14.53 -15.73 9.53
N ALA D 307 -15.55 -15.23 10.19
CA ALA D 307 -15.52 -13.85 10.68
C ALA D 307 -14.59 -13.73 11.89
N LEU D 308 -14.03 -12.53 12.02
CA LEU D 308 -13.08 -12.18 13.07
C LEU D 308 -13.58 -11.03 13.94
N SER D 309 -14.33 -10.12 13.33
CA SER D 309 -14.83 -8.95 14.03
C SER D 309 -16.27 -8.67 13.68
N MET D 310 -16.97 -7.98 14.58
CA MET D 310 -18.36 -7.64 14.37
C MET D 310 -18.69 -6.28 14.93
N THR D 311 -19.89 -5.82 14.64
CA THR D 311 -20.46 -4.65 15.30
C THR D 311 -21.98 -4.78 15.24
N ILE D 312 -22.64 -4.18 16.22
CA ILE D 312 -24.09 -4.24 16.36
C ILE D 312 -24.68 -2.86 16.20
N ASP D 313 -25.79 -2.76 15.50
CA ASP D 313 -26.55 -1.53 15.48
C ASP D 313 -27.82 -1.75 16.28
N GLN D 314 -27.99 -0.99 17.35
CA GLN D 314 -29.15 -1.13 18.24
C GLN D 314 -30.37 -0.53 17.60
N GLN D 315 -30.18 0.48 16.75
CA GLN D 315 -31.29 1.23 16.20
C GLN D 315 -32.00 0.56 15.02
N ARG D 316 -31.28 -0.27 14.27
CA ARG D 316 -31.84 -1.04 13.16
C ARG D 316 -31.81 -2.57 13.41
N ASN D 317 -31.32 -2.99 14.57
CA ASN D 317 -31.27 -4.41 14.91
C ASN D 317 -30.48 -5.25 13.91
N LEU D 318 -29.22 -4.84 13.73
CA LEU D 318 -28.32 -5.43 12.74
C LEU D 318 -27.02 -5.83 13.37
N MET D 319 -26.39 -6.81 12.77
CA MET D 319 -25.02 -7.20 13.10
C MET D 319 -24.26 -7.25 11.79
N LEU D 320 -23.09 -6.63 11.79
CA LEU D 320 -22.13 -6.83 10.69
C LEU D 320 -21.04 -7.74 11.21
N THR D 321 -20.54 -8.61 10.34
CA THR D 321 -19.35 -9.38 10.63
C THR D 321 -18.36 -9.17 9.49
N LEU D 322 -17.10 -9.44 9.80
CA LEU D 322 -16.02 -9.09 8.93
C LEU D 322 -14.95 -10.13 9.07
N ASP D 323 -14.51 -10.69 7.94
CA ASP D 323 -13.52 -11.78 7.91
C ASP D 323 -12.10 -11.31 7.52
N GLY D 324 -11.93 -9.99 7.42
CA GLY D 324 -10.67 -9.40 6.98
C GLY D 324 -10.84 -8.64 5.69
N GLY D 325 -11.73 -9.14 4.84
CA GLY D 325 -11.93 -8.54 3.51
C GLY D 325 -13.38 -8.34 3.11
N ASN D 326 -14.27 -9.15 3.68
CA ASN D 326 -15.68 -9.17 3.29
C ASN D 326 -16.57 -8.87 4.49
N VAL D 327 -17.63 -8.12 4.26
CA VAL D 327 -18.58 -7.75 5.31
C VAL D 327 -19.92 -8.46 5.10
N ASN D 328 -20.37 -9.17 6.13
CA ASN D 328 -21.67 -9.85 6.12
C ASN D 328 -22.65 -9.04 6.91
N VAL D 329 -23.84 -8.85 6.35
CA VAL D 329 -24.88 -8.04 6.98
C VAL D 329 -25.97 -8.98 7.48
N TYR D 330 -26.26 -8.93 8.78
CA TYR D 330 -27.28 -9.78 9.41
C TYR D 330 -28.40 -8.97 10.05
N ASP D 331 -29.64 -9.47 9.89
CA ASP D 331 -30.81 -8.99 10.65
C ASP D 331 -30.85 -9.77 11.95
N ILE D 332 -30.77 -9.09 13.09
CA ILE D 332 -30.78 -9.73 14.41
C ILE D 332 -31.99 -9.36 15.25
N SER D 333 -33.08 -8.99 14.58
CA SER D 333 -34.34 -8.67 15.28
C SER D 333 -35.02 -9.87 15.93
N GLN D 334 -34.66 -11.08 15.52
CA GLN D 334 -35.07 -12.34 16.16
C GLN D 334 -33.85 -13.07 16.70
N PRO D 335 -34.05 -14.02 17.63
CA PRO D 335 -32.89 -14.74 18.17
C PRO D 335 -31.94 -15.35 17.13
N GLU D 336 -32.46 -15.96 16.09
CA GLU D 336 -31.59 -16.48 15.04
C GLU D 336 -31.27 -15.37 14.05
N PRO D 337 -29.99 -15.03 13.89
CA PRO D 337 -29.67 -14.01 12.89
C PRO D 337 -29.99 -14.51 11.49
N LYS D 338 -30.34 -13.57 10.61
CA LYS D 338 -30.62 -13.89 9.19
C LYS D 338 -29.61 -13.13 8.32
N LEU D 339 -28.91 -13.85 7.46
CA LEU D 339 -27.92 -13.25 6.58
C LEU D 339 -28.61 -12.56 5.44
N LEU D 340 -28.35 -11.27 5.26
CA LEU D 340 -28.99 -10.46 4.22
C LEU D 340 -28.17 -10.36 2.93
N ARG D 341 -26.85 -10.16 3.09
CA ARG D 341 -25.93 -10.06 1.96
C ARG D 341 -24.52 -10.05 2.47
N THR D 342 -23.58 -10.24 1.54
CA THR D 342 -22.16 -10.10 1.80
C THR D 342 -21.61 -9.08 0.83
N ILE D 343 -20.80 -8.18 1.36
CA ILE D 343 -20.11 -7.14 0.61
C ILE D 343 -18.70 -7.67 0.45
N GLU D 344 -18.38 -8.09 -0.77
CA GLU D 344 -17.09 -8.68 -1.06
C GLU D 344 -16.07 -7.61 -1.38
N GLY D 345 -14.85 -7.82 -0.86
CA GLY D 345 -13.75 -6.94 -1.22
C GLY D 345 -13.87 -5.54 -0.63
N ALA D 346 -14.49 -5.44 0.54
CA ALA D 346 -14.61 -4.16 1.25
C ALA D 346 -13.28 -3.64 1.80
N ALA D 347 -12.33 -4.52 1.96
CA ALA D 347 -11.01 -4.17 2.49
C ALA D 347 -10.02 -5.24 2.11
N GLU D 348 -8.75 -4.89 2.19
CA GLU D 348 -7.70 -5.87 2.07
C GLU D 348 -7.36 -6.50 3.39
N ALA D 349 -7.36 -5.71 4.45
CA ALA D 349 -6.97 -6.20 5.77
C ALA D 349 -7.66 -5.37 6.85
N SER D 350 -8.93 -5.65 7.09
CA SER D 350 -9.71 -4.94 8.11
C SER D 350 -10.11 -5.85 9.22
N LEU D 351 -9.94 -5.37 10.45
CA LEU D 351 -10.45 -6.04 11.62
C LEU D 351 -11.52 -5.20 12.34
N GLN D 352 -12.06 -4.19 11.68
CA GLN D 352 -13.03 -3.33 12.33
C GLN D 352 -13.99 -2.71 11.35
N VAL D 353 -15.28 -2.90 11.59
CA VAL D 353 -16.31 -2.21 10.88
C VAL D 353 -17.25 -1.53 11.90
N GLN D 354 -17.82 -0.41 11.50
CA GLN D 354 -18.68 0.38 12.37
C GLN D 354 -19.78 1.01 11.55
N PHE D 355 -20.95 1.11 12.15
CA PHE D 355 -22.07 1.83 11.55
C PHE D 355 -21.94 3.33 11.72
N HIS D 356 -22.43 4.10 10.77
CA HIS D 356 -22.68 5.51 11.02
C HIS D 356 -23.80 5.60 12.05
N PRO D 357 -23.61 6.37 13.11
CA PRO D 357 -24.63 6.42 14.15
C PRO D 357 -25.92 7.05 13.67
N VAL D 358 -27.00 6.42 14.09
CA VAL D 358 -28.33 6.92 13.98
C VAL D 358 -28.84 7.05 15.41
N GLY D 359 -29.33 8.24 15.74
CA GLY D 359 -29.98 8.44 17.03
C GLY D 359 -28.99 8.11 18.13
N GLY D 360 -29.44 7.38 19.15
CA GLY D 360 -28.56 6.94 20.23
C GLY D 360 -28.53 7.83 21.46
N THR D 361 -29.24 8.95 21.45
CA THR D 361 -29.41 9.79 22.65
C THR D 361 -30.04 9.01 23.80
C1' PEL E . 2.25 -5.22 14.74
C2' PEL E . 0.90 -5.03 15.05
C3' PEL E . 0.17 -3.97 14.52
C4' PEL E . 0.78 -3.04 13.66
C5' PEL E . 2.12 -3.21 13.33
C6' PEL E . 2.84 -4.30 13.87
CA PEL E . 2.97 -6.42 15.36
C PEL E . 4.47 -6.47 15.13
OXT PEL E . 5.09 -5.26 15.69
C1' PEL F . -1.20 7.65 -13.70
C2' PEL F . 0.04 7.19 -14.13
C3' PEL F . 1.10 6.99 -13.22
C4' PEL F . 0.93 7.30 -11.89
C5' PEL F . -0.32 7.78 -11.44
C6' PEL F . -1.36 7.95 -12.35
CA PEL F . -2.29 7.84 -14.77
C PEL F . -3.57 8.56 -14.29
OXT PEL F . -3.23 9.90 -13.85
#